data_1TK0
#
_entry.id   1TK0
#
_cell.length_a   106.230
_cell.length_b   215.096
_cell.length_c   52.136
_cell.angle_alpha   90.00
_cell.angle_beta   90.00
_cell.angle_gamma   90.00
#
_symmetry.space_group_name_H-M   'P 21 21 2'
#
loop_
_entity.id
_entity.type
_entity.pdbx_description
1 polymer "5'-D(*CP*GP*AP*AP*AP*AP*CP*GP*A*CP*GP*GP*CP*CP*AP*GP*TP*GP*CP*CP*AP*(DDG))-3'"
2 polymer "5'-D(*CP*CP*CP*(8OG)P*CP*TP*GP*GP*CP*AP*CP*TP*GP*GP*CP*CP*GP*TP*CP*GP*TP*TP*TP*TP*CP*G)-3'"
3 polymer 'DNA polymerase'
4 polymer 'Thioredoxin 1'
5 non-polymer 'MAGNESIUM ION'
6 non-polymer 'SULFATE ION'
7 non-polymer "2',3'-DIDEOXYCYTIDINE 5'-TRIPHOSPHATE"
8 non-polymer 'PENTAETHYLENE GLYCOL'
9 non-polymer '2-(N-MORPHOLINO)-ETHANESULFONIC ACID'
10 water water
#
loop_
_entity_poly.entity_id
_entity_poly.type
_entity_poly.pdbx_seq_one_letter_code
_entity_poly.pdbx_strand_id
1 'polydeoxyribonucleotide'
;(DC)(DG)(DA)(DA)(DA)(DA)(DC)(DG)(DA)(DC)(DG)(DG)(DC)(DC)(DA)(DG)(DT)(DG)(DC)(DC)
(DA)(DDG)
;
P
2 'polydeoxyribonucleotide'
;(DC)(DC)(DC)(8OG)(DC)(DT)(DG)(DG)(DC)(DA)(DC)(DT)(DG)(DG)(DC)(DC)(DG)(DT)(DC)
(DG)(DT)(DT)(DT)(DT)(DC)(DG)
;
T
3 'polypeptide(L)'
;MIVSDIEANALLESVTKFHCGVIYDYSTAEYVSYRPSDFGAYLDALEAEVARGGLIVFHNGHKYDVPALTKLAKLQLNRE
FHLPRENCIDTLVLSRLIHSNLKDTDMGLLRSGKLPGALEAWGYRLGEMKGEYKDDFKRMLEEQGEEYVDGMEWWNFNEE
MMDYNVQDVVVTKALLEKLLSDKHYFPPEIDFTDVGYTTFWSESLEAVDIEHRAAWLLAKQERNGFPFDTKAIEELYVEL
AARRSELLRKLTETFGSWYQPKGGTEMFCHPRTGKPLPKYPRIKTPKVGGIFKKPKNKAQREGREPCELDTREYVAGAPY
TPVEHVVFNPSSRDHIQKKLQEAGWVPTKYTDKGAPVVDDEVLEGVRVDDPEKQAAIDLIKEYLMIQKRIGQSAEGDKAW
LRYVAEDGKIHGSVNPNGAVTGRATHAFPNLAQIPGVRSPYGEQCRAAFGAEHHLDGITGKPWVQAGIDASGLELRCLAH
FMARFDNGEYAHEILNGDIHTKNQIAAELPTRDNAKTFIYGFLYGAGDEKIGQIVGAGKERGKELKKKFLENTPAIAALR
ESIQQTLVESSQWVAGEQQVKWKRRWIKGLDGRKVHVRSPHAALNTLLQSAGALICKLWIIKTEEMLVEKGLKHGWDGDF
AYMAWVHDEIQVGCRTEEIAQVVIETAQEAMRWVGDHWNFRCLLDTEGKMGPNWAICH
;
A
4 'polypeptide(L)'
;SDKIIHLTDDSFDTDVLKADGAILVDFWAEWCGPCKMIAPILDEIADEYQGKLTVAKLNIDQNPGTAPKYGIRGIPTLLL
FKNGEVAATKVGALSKGQLKEFLDANLA
;
B
#
loop_
_chem_comp.id
_chem_comp.type
_chem_comp.name
_chem_comp.formula
1PE non-polymer 'PENTAETHYLENE GLYCOL' 'C10 H22 O6'
8OG DNA linking 8-OXO-2'-DEOXY-GUANOSINE-5'-MONOPHOSPHATE 'C10 H14 N5 O8 P'
DA DNA linking 2'-DEOXYADENOSINE-5'-MONOPHOSPHATE 'C10 H14 N5 O6 P'
DC DNA linking 2'-DEOXYCYTIDINE-5'-MONOPHOSPHATE 'C9 H14 N3 O7 P'
DCT DNA linking '2',3'-DIDEOXYCYTIDINE 5'-TRIPHOSPHATE' 'C9 H16 N3 O12 P3'
DDG DNA linking 2',3'-DIDEOXY-GUANOSINE-5'-MONOPHOSPHATE 'C10 H14 N5 O6 P'
DG DNA linking 2'-DEOXYGUANOSINE-5'-MONOPHOSPHATE 'C10 H14 N5 O7 P'
DT DNA linking THYMIDINE-5'-MONOPHOSPHATE 'C10 H15 N2 O8 P'
MES non-polymer '2-(N-MORPHOLINO)-ETHANESULFONIC ACID' 'C6 H13 N O4 S'
MG non-polymer 'MAGNESIUM ION' 'Mg 2'
SO4 non-polymer 'SULFATE ION' 'O4 S -2'
#
# COMPACT_ATOMS: atom_id res chain seq x y z
P DDG A 22 -6.09 14.57 5.02
OP1 DDG A 22 -5.99 15.22 6.37
OP2 DDG A 22 -7.36 14.60 4.28
O5' DDG A 22 -5.07 15.26 4.03
C5' DDG A 22 -3.69 15.16 4.23
C4' DDG A 22 -2.96 15.76 3.06
O4' DDG A 22 -2.96 14.80 1.96
C3' DDG A 22 -3.57 17.03 2.47
C2' DDG A 22 -3.08 17.00 1.03
C1' DDG A 22 -3.03 15.50 0.73
N9 DDG A 22 -4.16 14.99 -0.04
C8 DDG A 22 -5.39 14.57 0.41
N7 DDG A 22 -6.14 14.08 -0.54
C5 DDG A 22 -5.36 14.20 -1.69
C6 DDG A 22 -5.61 13.80 -3.07
O6 DDG A 22 -6.61 13.25 -3.56
N1 DDG A 22 -4.53 14.13 -3.88
C2 DDG A 22 -3.38 14.74 -3.45
N2 DDG A 22 -2.45 14.99 -4.38
N3 DDG A 22 -3.14 15.11 -2.21
C4 DDG A 22 -4.15 14.79 -1.39
P 8OG B 4 -11.75 12.31 -14.97
OP1 8OG B 4 -11.92 10.99 -14.31
OP2 8OG B 4 -12.90 12.95 -15.65
O5' 8OG B 4 -11.19 13.35 -13.89
C5' 8OG B 4 -10.13 12.98 -13.04
C4' 8OG B 4 -9.00 13.98 -13.14
O4' 8OG B 4 -9.29 15.08 -12.26
C3' 8OG B 4 -7.67 13.37 -12.68
O3' 8OG B 4 -6.68 13.38 -13.69
C2' 8OG B 4 -7.25 14.17 -11.47
C1' 8OG B 4 -8.25 15.28 -11.30
N9 8OG B 4 -8.83 15.16 -9.95
C8 8OG B 4 -10.03 14.58 -9.54
N7 8OG B 4 -10.15 14.56 -8.24
C5 8OG B 4 -9.00 15.16 -7.76
C6 8OG B 4 -8.57 15.41 -6.42
O6 8OG B 4 -9.14 15.12 -5.38
N1 8OG B 4 -7.34 16.04 -6.39
C2 8OG B 4 -6.60 16.40 -7.49
N2 8OG B 4 -5.44 17.02 -7.25
N3 8OG B 4 -6.99 16.18 -8.73
C4 8OG B 4 -8.18 15.56 -8.80
O8 8OG B 4 -10.84 14.13 -10.33
N MET C 1 37.13 16.82 0.37
CA MET C 1 35.94 15.95 0.23
C MET C 1 36.31 14.47 0.36
N ILE C 2 35.52 13.73 1.14
CA ILE C 2 35.75 12.30 1.29
C ILE C 2 34.44 11.56 1.00
N VAL C 3 34.56 10.30 0.63
CA VAL C 3 33.40 9.45 0.34
C VAL C 3 33.52 8.29 1.32
N SER C 4 32.46 8.03 2.07
CA SER C 4 32.53 6.97 3.05
C SER C 4 31.28 6.11 3.15
N ASP C 5 31.40 5.03 3.92
CA ASP C 5 30.32 4.08 4.13
C ASP C 5 30.73 3.16 5.28
N ILE C 6 29.78 2.75 6.10
CA ILE C 6 30.11 1.85 7.21
C ILE C 6 29.27 0.58 7.14
N GLU C 7 29.73 -0.44 7.84
CA GLU C 7 29.00 -1.70 7.95
C GLU C 7 28.86 -1.89 9.46
N ALA C 8 27.63 -2.08 9.92
CA ALA C 8 27.36 -2.29 11.33
C ALA C 8 26.51 -3.55 11.49
N ASN C 9 26.23 -3.94 12.72
CA ASN C 9 25.50 -5.18 12.97
C ASN C 9 23.98 -5.19 12.91
N ALA C 10 23.36 -4.06 12.60
CA ALA C 10 21.89 -4.02 12.53
C ALA C 10 21.38 -2.68 12.06
N LEU C 11 20.07 -2.59 11.86
CA LEU C 11 19.45 -1.34 11.45
C LEU C 11 19.61 -0.35 12.61
N LEU C 12 19.39 0.93 12.34
CA LEU C 12 19.57 1.98 13.33
C LEU C 12 18.92 1.74 14.68
N GLU C 13 17.67 1.28 14.67
CA GLU C 13 16.93 1.04 15.90
C GLU C 13 17.65 0.19 16.94
N SER C 14 18.44 -0.78 16.49
CA SER C 14 19.12 -1.65 17.44
C SER C 14 20.60 -1.93 17.15
N VAL C 15 21.23 -1.08 16.35
CA VAL C 15 22.64 -1.28 16.05
C VAL C 15 23.47 -1.11 17.33
N THR C 16 24.43 -2.00 17.55
CA THR C 16 25.28 -1.93 18.73
C THR C 16 26.75 -2.12 18.38
N LYS C 17 27.03 -2.56 17.16
CA LYS C 17 28.42 -2.77 16.76
C LYS C 17 28.81 -2.23 15.40
N PHE C 18 29.94 -1.54 15.38
CA PHE C 18 30.52 -1.00 14.16
C PHE C 18 31.40 -2.15 13.68
N HIS C 19 31.19 -2.62 12.45
CA HIS C 19 32.01 -3.70 11.95
C HIS C 19 33.21 -3.14 11.19
N CYS C 20 32.94 -2.23 10.25
CA CYS C 20 34.02 -1.62 9.50
C CYS C 20 33.56 -0.39 8.73
N GLY C 21 34.53 0.29 8.14
CA GLY C 21 34.23 1.48 7.37
C GLY C 21 35.30 1.71 6.34
N VAL C 22 34.99 2.49 5.32
CA VAL C 22 35.95 2.81 4.26
C VAL C 22 35.86 4.28 3.93
N ILE C 23 37.01 4.90 3.70
CA ILE C 23 37.06 6.30 3.35
C ILE C 23 37.90 6.52 2.11
N TYR C 24 37.32 7.21 1.14
CA TYR C 24 38.06 7.55 -0.07
C TYR C 24 38.25 9.05 0.05
N ASP C 25 39.49 9.49 0.04
CA ASP C 25 39.79 10.91 0.17
C ASP C 25 40.24 11.49 -1.18
N TYR C 26 39.56 12.53 -1.63
CA TYR C 26 39.90 13.17 -2.90
C TYR C 26 41.27 13.82 -2.94
N SER C 27 41.76 14.31 -1.81
CA SER C 27 43.06 14.96 -1.81
C SER C 27 44.25 14.01 -1.90
N THR C 28 44.04 12.76 -1.51
CA THR C 28 45.09 11.75 -1.58
C THR C 28 44.78 10.76 -2.68
N ALA C 29 43.52 10.72 -3.09
CA ALA C 29 43.06 9.81 -4.13
C ALA C 29 43.22 8.35 -3.70
N GLU C 30 43.11 8.08 -2.41
CA GLU C 30 43.25 6.72 -1.92
C GLU C 30 42.16 6.22 -0.99
N TYR C 31 41.99 4.90 -0.97
CA TYR C 31 41.00 4.26 -0.13
C TYR C 31 41.69 3.74 1.13
N VAL C 32 41.02 3.90 2.27
CA VAL C 32 41.52 3.42 3.54
C VAL C 32 40.42 2.64 4.25
N SER C 33 40.75 1.42 4.68
CA SER C 33 39.78 0.57 5.38
C SER C 33 40.03 0.59 6.88
N TYR C 34 38.93 0.57 7.63
CA TYR C 34 38.99 0.56 9.09
C TYR C 34 38.19 -0.67 9.52
N ARG C 35 38.83 -1.54 10.29
CA ARG C 35 38.17 -2.74 10.77
C ARG C 35 37.60 -2.45 12.16
N PRO C 36 36.98 -3.45 12.81
CA PRO C 36 36.42 -3.17 14.14
C PRO C 36 37.28 -2.47 15.19
N SER C 37 38.55 -2.81 15.29
CA SER C 37 39.38 -2.13 16.29
C SER C 37 39.85 -0.76 15.80
N ASP C 38 39.46 -0.37 14.59
CA ASP C 38 39.86 0.93 14.04
C ASP C 38 38.76 1.97 14.15
N PHE C 39 37.64 1.61 14.78
CA PHE C 39 36.50 2.52 14.92
C PHE C 39 36.87 3.93 15.35
N GLY C 40 37.65 4.07 16.43
CA GLY C 40 38.04 5.38 16.89
C GLY C 40 38.78 6.17 15.82
N ALA C 41 39.67 5.48 15.10
CA ALA C 41 40.45 6.11 14.05
C ALA C 41 39.53 6.57 12.93
N TYR C 42 38.52 5.76 12.63
CA TYR C 42 37.56 6.11 11.58
C TYR C 42 36.86 7.41 11.92
N LEU C 43 36.35 7.50 13.14
CA LEU C 43 35.67 8.70 13.59
C LEU C 43 36.63 9.90 13.55
N ASP C 44 37.89 9.65 13.92
CA ASP C 44 38.87 10.73 13.90
C ASP C 44 38.99 11.28 12.48
N ALA C 45 39.06 10.40 11.50
CA ALA C 45 39.18 10.81 10.11
C ALA C 45 37.99 11.64 9.64
N LEU C 46 36.79 11.27 10.10
CA LEU C 46 35.61 12.02 9.71
C LEU C 46 35.65 13.42 10.32
N GLU C 47 35.92 13.51 11.62
CA GLU C 47 36.00 14.81 12.27
C GLU C 47 37.11 15.69 11.69
N ALA C 48 38.20 15.08 11.24
CA ALA C 48 39.30 15.83 10.64
C ALA C 48 38.84 16.58 9.39
N GLU C 49 38.03 15.90 8.57
CA GLU C 49 37.49 16.49 7.35
C GLU C 49 36.58 17.66 7.73
N VAL C 50 35.89 17.53 8.86
CA VAL C 50 35.00 18.59 9.34
C VAL C 50 35.82 19.81 9.80
N ALA C 51 36.97 19.55 10.42
CA ALA C 51 37.85 20.62 10.89
C ALA C 51 38.46 21.41 9.73
N ARG C 52 38.62 20.74 8.59
CA ARG C 52 39.16 21.37 7.39
C ARG C 52 38.09 22.15 6.63
N GLY C 53 36.86 22.14 7.15
CA GLY C 53 35.76 22.81 6.47
C GLY C 53 35.41 22.01 5.22
N GLY C 54 35.69 20.71 5.27
CA GLY C 54 35.44 19.84 4.13
C GLY C 54 34.04 19.22 4.03
N LEU C 55 33.94 18.17 3.24
CA LEU C 55 32.68 17.49 3.02
C LEU C 55 32.78 15.96 3.11
N ILE C 56 31.72 15.35 3.63
CA ILE C 56 31.66 13.90 3.78
C ILE C 56 30.46 13.38 2.97
N VAL C 57 30.73 12.49 2.03
CA VAL C 57 29.68 11.93 1.20
C VAL C 57 29.37 10.48 1.58
N PHE C 58 28.10 10.22 1.88
CA PHE C 58 27.62 8.88 2.23
C PHE C 58 26.47 8.64 1.24
N HIS C 59 26.06 7.38 1.11
CA HIS C 59 24.89 7.08 0.28
C HIS C 59 23.89 6.64 1.35
N ASN C 60 22.88 7.47 1.57
CA ASN C 60 21.85 7.22 2.58
C ASN C 60 22.42 7.44 3.98
N GLY C 61 23.45 8.29 4.07
CA GLY C 61 24.06 8.58 5.34
C GLY C 61 23.17 9.43 6.24
N HIS C 62 22.35 10.30 5.66
CA HIS C 62 21.49 11.13 6.50
C HIS C 62 20.57 10.29 7.38
N LYS C 63 20.01 9.22 6.84
CA LYS C 63 19.12 8.39 7.65
C LYS C 63 19.83 7.28 8.40
N TYR C 64 20.93 6.77 7.86
CA TYR C 64 21.62 5.67 8.53
C TYR C 64 23.01 5.94 9.12
N ASP C 65 24.03 5.99 8.27
CA ASP C 65 25.40 6.18 8.73
C ASP C 65 25.67 7.27 9.77
N VAL C 66 25.21 8.49 9.53
CA VAL C 66 25.46 9.57 10.47
C VAL C 66 24.84 9.33 11.85
N PRO C 67 23.53 9.03 11.91
CA PRO C 67 22.93 8.79 13.23
C PRO C 67 23.53 7.52 13.86
N ALA C 68 23.80 6.51 13.03
CA ALA C 68 24.37 5.25 13.53
C ALA C 68 25.72 5.48 14.21
N LEU C 69 26.55 6.32 13.62
CA LEU C 69 27.87 6.61 14.16
C LEU C 69 27.75 7.34 15.49
N THR C 70 26.80 8.25 15.59
CA THR C 70 26.61 8.98 16.84
C THR C 70 26.25 7.96 17.93
N LYS C 71 25.32 7.08 17.60
CA LYS C 71 24.86 6.06 18.53
C LYS C 71 25.97 5.10 18.91
N LEU C 72 26.68 4.58 17.92
CA LEU C 72 27.76 3.63 18.16
C LEU C 72 28.94 4.24 18.91
N ALA C 73 29.26 5.50 18.61
CA ALA C 73 30.37 6.18 19.28
C ALA C 73 30.09 6.26 20.78
N LYS C 74 28.84 6.52 21.12
CA LYS C 74 28.45 6.61 22.51
C LYS C 74 28.50 5.24 23.19
N LEU C 75 27.89 4.24 22.56
CA LEU C 75 27.88 2.89 23.12
C LEU C 75 29.25 2.22 23.26
N GLN C 76 30.00 2.16 22.17
CA GLN C 76 31.29 1.49 22.17
C GLN C 76 32.51 2.24 22.70
N LEU C 77 32.58 3.54 22.42
CA LEU C 77 33.73 4.33 22.84
C LEU C 77 33.36 5.37 23.88
N ASN C 78 32.08 5.42 24.22
CA ASN C 78 31.61 6.40 25.18
C ASN C 78 32.08 7.78 24.74
N ARG C 79 31.98 8.04 23.44
CA ARG C 79 32.39 9.31 22.84
C ARG C 79 31.21 10.06 22.24
N GLU C 80 31.25 11.39 22.30
CA GLU C 80 30.21 12.24 21.71
C GLU C 80 30.67 12.46 20.26
N PHE C 81 29.83 12.08 19.30
CA PHE C 81 30.16 12.24 17.89
C PHE C 81 28.93 12.78 17.18
N HIS C 82 29.07 13.95 16.55
CA HIS C 82 27.94 14.57 15.86
C HIS C 82 28.37 15.33 14.61
N LEU C 83 28.46 14.66 13.47
CA LEU C 83 28.83 15.35 12.24
C LEU C 83 27.80 16.44 11.99
N PRO C 84 28.24 17.67 11.67
CA PRO C 84 27.32 18.77 11.42
C PRO C 84 26.59 18.59 10.09
N ARG C 85 25.33 19.01 10.04
CA ARG C 85 24.53 18.89 8.82
C ARG C 85 25.21 19.48 7.58
N GLU C 86 25.72 20.70 7.71
CA GLU C 86 26.37 21.39 6.59
C GLU C 86 27.61 20.70 6.02
N ASN C 87 28.13 19.69 6.73
CA ASN C 87 29.30 18.99 6.25
C ASN C 87 28.94 17.67 5.54
N CYS C 88 27.66 17.33 5.50
CA CYS C 88 27.27 16.07 4.88
C CYS C 88 26.52 16.15 3.56
N ILE C 89 26.83 15.19 2.70
CA ILE C 89 26.19 15.04 1.40
C ILE C 89 25.67 13.60 1.31
N ASP C 90 24.50 13.43 0.72
CA ASP C 90 23.91 12.11 0.57
C ASP C 90 23.60 11.86 -0.91
N THR C 91 24.28 10.90 -1.54
CA THR C 91 24.05 10.62 -2.95
C THR C 91 22.65 10.07 -3.22
N LEU C 92 22.00 9.53 -2.20
CA LEU C 92 20.64 9.02 -2.37
C LEU C 92 19.71 10.23 -2.47
N VAL C 93 19.94 11.22 -1.60
CA VAL C 93 19.14 12.45 -1.61
C VAL C 93 19.38 13.16 -2.96
N LEU C 94 20.63 13.20 -3.40
CA LEU C 94 20.96 13.82 -4.68
C LEU C 94 20.32 13.08 -5.84
N SER C 95 20.37 11.73 -5.82
CA SER C 95 19.77 10.92 -6.88
C SER C 95 18.28 11.17 -6.97
N ARG C 96 17.64 11.23 -5.81
CA ARG C 96 16.21 11.45 -5.76
C ARG C 96 15.82 12.83 -6.23
N LEU C 97 16.76 13.77 -6.20
CA LEU C 97 16.48 15.12 -6.66
C LEU C 97 16.66 15.18 -8.16
N ILE C 98 17.84 14.79 -8.61
CA ILE C 98 18.19 14.81 -10.02
C ILE C 98 17.41 13.82 -10.88
N HIS C 99 17.22 12.60 -10.37
CA HIS C 99 16.46 11.57 -11.10
C HIS C 99 15.11 11.42 -10.41
N SER C 100 14.42 12.53 -10.25
CA SER C 100 13.12 12.55 -9.58
C SER C 100 12.01 11.82 -10.32
N ASN C 101 12.24 11.53 -11.60
CA ASN C 101 11.24 10.84 -12.40
C ASN C 101 11.36 9.32 -12.26
N LEU C 102 12.44 8.86 -11.65
CA LEU C 102 12.65 7.43 -11.46
C LEU C 102 12.34 6.97 -10.03
N LYS C 103 12.03 5.68 -9.90
CA LYS C 103 11.75 5.10 -8.59
C LYS C 103 13.08 4.54 -8.12
N ASP C 104 13.10 4.03 -6.89
CA ASP C 104 14.27 3.36 -6.33
C ASP C 104 13.73 2.38 -5.30
N THR C 105 14.56 1.44 -4.86
CA THR C 105 14.12 0.41 -3.92
C THR C 105 14.17 0.81 -2.46
N ASP C 106 14.45 2.07 -2.19
CA ASP C 106 14.55 2.57 -0.82
C ASP C 106 15.56 1.74 -0.05
N MET C 107 16.70 1.52 -0.68
CA MET C 107 17.80 0.75 -0.11
C MET C 107 17.46 -0.71 0.18
N GLY C 108 16.69 -1.33 -0.73
CA GLY C 108 16.35 -2.73 -0.56
C GLY C 108 15.10 -3.06 0.22
N LEU C 109 14.33 -2.06 0.62
CA LEU C 109 13.10 -2.30 1.38
C LEU C 109 11.95 -2.65 0.44
N LEU C 110 12.10 -2.29 -0.83
CA LEU C 110 11.09 -2.58 -1.83
C LEU C 110 11.69 -3.47 -2.92
N ARG C 111 10.93 -4.45 -3.37
CA ARG C 111 11.41 -5.36 -4.41
C ARG C 111 11.55 -4.58 -5.71
N SER C 112 12.71 -4.70 -6.35
CA SER C 112 12.96 -3.97 -7.58
C SER C 112 11.97 -4.29 -8.71
N GLY C 113 11.51 -5.53 -8.77
CA GLY C 113 10.58 -5.93 -9.82
C GLY C 113 9.16 -5.38 -9.73
N LYS C 114 8.80 -4.85 -8.57
CA LYS C 114 7.46 -4.30 -8.36
C LYS C 114 7.36 -2.83 -8.78
N LEU C 115 8.52 -2.19 -8.96
CA LEU C 115 8.56 -0.77 -9.33
C LEU C 115 8.42 -0.54 -10.83
N PRO C 116 7.66 0.50 -11.22
CA PRO C 116 7.48 0.82 -12.64
C PRO C 116 8.66 1.60 -13.19
N GLY C 117 8.88 1.51 -14.50
CA GLY C 117 9.98 2.24 -15.13
C GLY C 117 11.36 1.68 -14.89
N ALA C 118 12.38 2.49 -15.19
CA ALA C 118 13.77 2.08 -15.03
C ALA C 118 14.38 2.56 -13.71
N LEU C 119 15.54 2.02 -13.37
CA LEU C 119 16.23 2.39 -12.14
C LEU C 119 17.67 2.76 -12.47
N GLU C 120 18.18 3.80 -11.82
CA GLU C 120 19.56 4.24 -12.05
C GLU C 120 20.46 3.10 -11.57
N ALA C 121 21.40 2.70 -12.41
CA ALA C 121 22.30 1.57 -12.14
C ALA C 121 23.15 1.56 -10.86
N TRP C 122 23.92 2.61 -10.61
CA TRP C 122 24.75 2.65 -9.42
C TRP C 122 23.90 2.58 -8.15
N GLY C 123 22.79 3.31 -8.17
CA GLY C 123 21.90 3.32 -7.03
C GLY C 123 21.25 1.97 -6.85
N TYR C 124 20.94 1.30 -7.95
CA TYR C 124 20.34 -0.02 -7.84
C TYR C 124 21.35 -0.92 -7.13
N ARG C 125 22.60 -0.87 -7.60
CA ARG C 125 23.67 -1.68 -7.01
C ARG C 125 23.77 -1.46 -5.51
N LEU C 126 23.93 -0.20 -5.10
CA LEU C 126 24.03 0.12 -3.69
C LEU C 126 22.83 -0.42 -2.92
N GLY C 127 21.64 -0.29 -3.50
CA GLY C 127 20.44 -0.77 -2.83
C GLY C 127 20.39 -2.29 -2.65
N GLU C 128 21.05 -3.03 -3.55
CA GLU C 128 21.04 -4.49 -3.50
C GLU C 128 22.24 -5.12 -2.79
N MET C 129 23.15 -4.31 -2.27
CA MET C 129 24.33 -4.83 -1.61
C MET C 129 24.06 -5.74 -0.42
N LYS C 130 23.11 -5.37 0.44
CA LYS C 130 22.81 -6.21 1.59
C LYS C 130 22.33 -7.58 1.14
N GLY C 131 21.27 -7.62 0.35
CA GLY C 131 20.75 -8.89 -0.13
C GLY C 131 21.80 -9.67 -0.91
N GLU C 132 22.60 -8.94 -1.68
CA GLU C 132 23.64 -9.53 -2.48
C GLU C 132 24.72 -10.15 -1.58
N TYR C 133 25.02 -9.47 -0.47
CA TYR C 133 26.02 -9.94 0.47
C TYR C 133 25.50 -11.17 1.19
N LYS C 134 24.22 -11.16 1.51
CA LYS C 134 23.57 -12.28 2.20
C LYS C 134 23.70 -13.52 1.32
N ASP C 135 23.52 -13.36 0.02
CA ASP C 135 23.63 -14.50 -0.89
C ASP C 135 25.03 -15.11 -0.81
N ASP C 136 26.06 -14.28 -0.93
CA ASP C 136 27.42 -14.78 -0.85
C ASP C 136 27.59 -15.59 0.43
N PHE C 137 27.28 -14.96 1.56
CA PHE C 137 27.41 -15.58 2.87
C PHE C 137 26.71 -16.93 2.95
N LYS C 138 25.44 -16.96 2.55
CA LYS C 138 24.65 -18.20 2.59
C LYS C 138 25.29 -19.30 1.75
N ARG C 139 25.76 -18.91 0.57
CA ARG C 139 26.40 -19.86 -0.34
C ARG C 139 27.68 -20.42 0.26
N MET C 140 28.53 -19.53 0.77
CA MET C 140 29.78 -19.97 1.38
C MET C 140 29.54 -20.96 2.52
N LEU C 141 28.48 -20.75 3.30
CA LEU C 141 28.18 -21.65 4.42
C LEU C 141 27.71 -23.04 3.96
N GLU C 142 26.66 -23.08 3.15
CA GLU C 142 26.12 -24.34 2.66
C GLU C 142 27.16 -25.02 1.77
N GLU C 143 28.27 -24.32 1.55
CA GLU C 143 29.37 -24.81 0.75
C GLU C 143 30.31 -25.47 1.75
N GLN C 144 30.11 -25.13 3.02
CA GLN C 144 30.92 -25.65 4.12
C GLN C 144 30.09 -26.58 5.01
N GLY C 145 28.90 -26.95 4.53
CA GLY C 145 28.04 -27.84 5.29
C GLY C 145 27.18 -27.14 6.34
N GLU C 146 27.77 -26.17 7.02
CA GLU C 146 27.05 -25.40 8.05
C GLU C 146 25.71 -24.87 7.57
N GLU C 147 24.78 -24.70 8.50
CA GLU C 147 23.45 -24.20 8.17
C GLU C 147 23.38 -22.69 8.32
N TYR C 148 22.47 -22.07 7.58
CA TYR C 148 22.30 -20.63 7.64
C TYR C 148 21.20 -20.32 8.64
N VAL C 149 21.45 -19.36 9.52
CA VAL C 149 20.47 -18.99 10.54
C VAL C 149 19.88 -17.59 10.34
N ASP C 150 18.66 -17.43 10.86
CA ASP C 150 17.91 -16.17 10.81
C ASP C 150 18.48 -15.15 9.84
N GLY C 151 19.54 -14.48 10.27
CA GLY C 151 20.20 -13.47 9.44
C GLY C 151 21.58 -13.21 10.03
N MET C 152 22.29 -14.30 10.28
CA MET C 152 23.63 -14.26 10.85
C MET C 152 24.72 -13.53 10.07
N GLU C 153 24.45 -13.14 8.84
CA GLU C 153 25.45 -12.47 8.03
C GLU C 153 25.93 -11.14 8.66
N TRP C 154 25.13 -10.58 9.56
CA TRP C 154 25.47 -9.30 10.18
C TRP C 154 25.93 -9.37 11.63
N TRP C 155 26.02 -10.58 12.20
CA TRP C 155 26.43 -10.72 13.58
C TRP C 155 27.90 -10.40 13.82
N ASN C 156 28.78 -10.79 12.88
CA ASN C 156 30.21 -10.55 13.05
C ASN C 156 30.92 -10.04 11.81
N PHE C 157 32.04 -9.36 12.04
CA PHE C 157 32.85 -8.83 10.96
C PHE C 157 33.62 -9.96 10.27
N ASN C 158 33.82 -9.82 8.97
CA ASN C 158 34.58 -10.81 8.21
C ASN C 158 35.09 -10.09 6.97
N GLU C 159 36.08 -10.68 6.29
CA GLU C 159 36.65 -10.04 5.11
C GLU C 159 35.74 -9.84 3.91
N GLU C 160 34.63 -10.58 3.80
CA GLU C 160 33.76 -10.38 2.66
C GLU C 160 32.90 -9.15 2.92
N MET C 161 32.66 -8.87 4.19
CA MET C 161 31.89 -7.70 4.58
C MET C 161 32.78 -6.49 4.28
N MET C 162 34.06 -6.62 4.59
CA MET C 162 35.03 -5.56 4.33
C MET C 162 35.03 -5.21 2.83
N ASP C 163 35.14 -6.23 1.98
CA ASP C 163 35.16 -6.01 0.53
C ASP C 163 33.92 -5.31 0.00
N TYR C 164 32.75 -5.70 0.50
CA TYR C 164 31.52 -5.07 0.07
C TYR C 164 31.53 -3.61 0.50
N ASN C 165 32.12 -3.35 1.67
CA ASN C 165 32.22 -1.99 2.19
C ASN C 165 33.03 -1.16 1.20
N VAL C 166 34.13 -1.75 0.71
CA VAL C 166 34.99 -1.07 -0.26
C VAL C 166 34.26 -0.82 -1.58
N GLN C 167 33.55 -1.84 -2.07
CA GLN C 167 32.82 -1.66 -3.33
C GLN C 167 31.73 -0.61 -3.19
N ASP C 168 31.08 -0.53 -2.03
CA ASP C 168 30.03 0.47 -1.84
C ASP C 168 30.62 1.86 -2.06
N VAL C 169 31.81 2.10 -1.53
CA VAL C 169 32.41 3.40 -1.68
C VAL C 169 32.84 3.69 -3.11
N VAL C 170 33.41 2.72 -3.80
CA VAL C 170 33.82 2.98 -5.18
C VAL C 170 32.56 3.28 -5.99
N VAL C 171 31.48 2.55 -5.72
CA VAL C 171 30.24 2.78 -6.44
C VAL C 171 29.63 4.13 -6.04
N THR C 172 29.73 4.48 -4.76
CA THR C 172 29.18 5.76 -4.31
C THR C 172 29.96 6.91 -4.95
N LYS C 173 31.27 6.74 -5.07
CA LYS C 173 32.12 7.75 -5.68
C LYS C 173 31.69 7.95 -7.13
N ALA C 174 31.43 6.84 -7.83
CA ALA C 174 31.01 6.93 -9.22
C ALA C 174 29.67 7.60 -9.34
N LEU C 175 28.74 7.24 -8.46
CA LEU C 175 27.40 7.81 -8.47
C LEU C 175 27.52 9.33 -8.27
N LEU C 176 28.29 9.72 -7.26
CA LEU C 176 28.50 11.12 -6.95
C LEU C 176 28.95 11.90 -8.19
N GLU C 177 30.03 11.47 -8.83
CA GLU C 177 30.53 12.18 -10.00
C GLU C 177 29.54 12.21 -11.16
N LYS C 178 28.68 11.20 -11.26
CA LYS C 178 27.68 11.17 -12.31
C LYS C 178 26.66 12.27 -12.04
N LEU C 179 26.29 12.43 -10.77
CA LEU C 179 25.31 13.44 -10.38
C LEU C 179 25.90 14.85 -10.48
N LEU C 180 27.15 15.01 -10.06
CA LEU C 180 27.81 16.29 -10.12
C LEU C 180 28.00 16.78 -11.56
N SER C 181 28.00 15.83 -12.49
CA SER C 181 28.17 16.17 -13.90
C SER C 181 26.91 16.76 -14.50
N ASP C 182 25.86 16.90 -13.70
CA ASP C 182 24.62 17.46 -14.22
C ASP C 182 24.68 18.98 -14.19
N LYS C 183 25.00 19.54 -15.35
CA LYS C 183 25.12 20.98 -15.54
C LYS C 183 23.94 21.81 -14.98
N HIS C 184 22.75 21.24 -14.98
CA HIS C 184 21.60 21.99 -14.47
C HIS C 184 21.71 22.28 -12.97
N TYR C 185 22.29 21.34 -12.22
CA TYR C 185 22.41 21.50 -10.79
C TYR C 185 23.77 21.99 -10.34
N PHE C 186 24.82 21.58 -11.05
CA PHE C 186 26.17 21.97 -10.69
C PHE C 186 26.90 22.67 -11.84
N PRO C 187 27.21 23.96 -11.69
CA PRO C 187 27.91 24.72 -12.74
C PRO C 187 29.21 24.04 -13.17
N PRO C 188 29.42 23.93 -14.48
CA PRO C 188 30.63 23.29 -15.04
C PRO C 188 31.94 23.93 -14.59
N GLU C 189 31.94 25.25 -14.39
CA GLU C 189 33.17 25.97 -14.00
C GLU C 189 33.77 25.56 -12.65
N ILE C 190 32.99 24.84 -11.84
CA ILE C 190 33.47 24.46 -10.52
C ILE C 190 33.62 22.96 -10.33
N ASP C 191 34.75 22.55 -9.74
CA ASP C 191 35.00 21.14 -9.46
C ASP C 191 34.46 20.96 -8.04
N PHE C 192 33.23 20.47 -7.92
CA PHE C 192 32.63 20.31 -6.60
C PHE C 192 33.25 19.24 -5.70
N THR C 193 34.23 18.50 -6.21
CA THR C 193 34.88 17.48 -5.37
C THR C 193 36.13 18.13 -4.79
N ASP C 194 36.29 19.42 -5.04
CA ASP C 194 37.47 20.12 -4.54
C ASP C 194 37.16 21.50 -3.96
N VAL C 195 36.04 21.60 -3.24
CA VAL C 195 35.64 22.85 -2.61
C VAL C 195 35.19 22.65 -1.16
N GLY C 196 35.24 23.72 -0.38
CA GLY C 196 34.81 23.63 1.00
C GLY C 196 33.29 23.52 1.04
N TYR C 197 32.73 23.17 2.18
CA TYR C 197 31.29 23.02 2.28
C TYR C 197 30.49 24.27 1.92
N THR C 198 30.93 25.44 2.38
CA THR C 198 30.21 26.66 2.08
C THR C 198 30.09 26.89 0.57
N THR C 199 31.17 26.63 -0.17
CA THR C 199 31.15 26.79 -1.61
C THR C 199 30.20 25.78 -2.26
N PHE C 200 30.21 24.55 -1.74
CA PHE C 200 29.35 23.49 -2.28
C PHE C 200 27.88 23.88 -2.23
N TRP C 201 27.42 24.38 -1.09
CA TRP C 201 26.02 24.77 -0.95
C TRP C 201 25.67 26.08 -1.67
N SER C 202 26.54 27.09 -1.57
CA SER C 202 26.25 28.38 -2.22
C SER C 202 26.40 28.42 -3.75
N GLU C 203 27.24 27.55 -4.30
CA GLU C 203 27.46 27.51 -5.75
C GLU C 203 26.56 26.53 -6.51
N SER C 204 25.97 25.56 -5.82
CA SER C 204 25.09 24.61 -6.49
C SER C 204 23.67 25.14 -6.48
N LEU C 205 22.80 24.57 -7.32
CA LEU C 205 21.42 25.02 -7.38
C LEU C 205 20.78 24.98 -6.00
N GLU C 206 19.89 25.93 -5.72
CA GLU C 206 19.21 26.02 -4.43
C GLU C 206 18.60 24.68 -3.99
N ALA C 207 18.02 23.95 -4.93
CA ALA C 207 17.39 22.67 -4.63
C ALA C 207 18.30 21.66 -3.92
N VAL C 208 19.59 21.70 -4.24
CA VAL C 208 20.53 20.79 -3.61
C VAL C 208 20.60 21.05 -2.11
N ASP C 209 20.61 22.33 -1.73
CA ASP C 209 20.70 22.70 -0.34
C ASP C 209 19.40 22.36 0.38
N ILE C 210 18.27 22.67 -0.25
CA ILE C 210 16.96 22.39 0.32
C ILE C 210 16.72 20.91 0.55
N GLU C 211 17.11 20.08 -0.41
CA GLU C 211 16.90 18.64 -0.28
C GLU C 211 17.70 18.05 0.87
N HIS C 212 18.96 18.44 1.00
CA HIS C 212 19.78 17.94 2.09
C HIS C 212 19.24 18.40 3.45
N ARG C 213 18.76 19.63 3.52
CA ARG C 213 18.21 20.12 4.79
C ARG C 213 16.92 19.37 5.13
N ALA C 214 16.08 19.12 4.13
CA ALA C 214 14.83 18.39 4.37
C ALA C 214 15.07 16.96 4.81
N ALA C 215 16.04 16.29 4.18
CA ALA C 215 16.34 14.90 4.52
C ALA C 215 16.91 14.81 5.93
N TRP C 216 17.75 15.76 6.31
CA TRP C 216 18.35 15.77 7.64
C TRP C 216 17.28 15.99 8.70
N LEU C 217 16.33 16.88 8.43
CA LEU C 217 15.25 17.17 9.36
C LEU C 217 14.30 15.98 9.49
N LEU C 218 13.92 15.42 8.34
CA LEU C 218 13.00 14.30 8.31
C LEU C 218 13.57 13.01 8.90
N ALA C 219 14.88 12.80 8.79
CA ALA C 219 15.48 11.62 9.39
C ALA C 219 15.28 11.79 10.89
N LYS C 220 15.47 13.01 11.37
CA LYS C 220 15.27 13.32 12.79
C LYS C 220 13.83 13.02 13.20
N GLN C 221 12.88 13.40 12.33
CA GLN C 221 11.48 13.16 12.59
C GLN C 221 11.19 11.67 12.72
N GLU C 222 11.81 10.87 11.85
CA GLU C 222 11.62 9.42 11.92
C GLU C 222 12.10 8.91 13.27
N ARG C 223 13.30 9.33 13.66
CA ARG C 223 13.87 8.92 14.93
C ARG C 223 12.99 9.32 16.10
N ASN C 224 12.32 10.47 15.98
CA ASN C 224 11.40 10.93 17.03
C ASN C 224 10.23 9.98 17.09
N GLY C 225 9.66 9.66 15.94
CA GLY C 225 8.50 8.79 15.90
C GLY C 225 7.27 9.57 16.31
N PHE C 226 6.11 8.92 16.25
CA PHE C 226 4.84 9.54 16.60
C PHE C 226 4.25 8.80 17.81
N PRO C 227 4.15 9.45 18.97
CA PRO C 227 3.57 8.82 20.17
C PRO C 227 2.25 8.15 19.78
N PHE C 228 2.14 6.85 20.07
CA PHE C 228 0.97 6.08 19.67
C PHE C 228 0.28 5.36 20.85
N ASP C 229 -1.04 5.46 20.91
CA ASP C 229 -1.83 4.84 21.97
C ASP C 229 -2.18 3.39 21.63
N THR C 230 -1.23 2.48 21.86
CA THR C 230 -1.43 1.07 21.57
C THR C 230 -2.68 0.48 22.21
N LYS C 231 -2.91 0.80 23.47
CA LYS C 231 -4.08 0.27 24.18
C LYS C 231 -5.40 0.60 23.50
N ALA C 232 -5.59 1.88 23.17
CA ALA C 232 -6.83 2.32 22.53
C ALA C 232 -7.08 1.67 21.19
N ILE C 233 -6.01 1.36 20.45
CA ILE C 233 -6.17 0.73 19.14
C ILE C 233 -6.44 -0.76 19.28
N GLU C 234 -5.87 -1.38 20.31
CA GLU C 234 -6.13 -2.80 20.55
C GLU C 234 -7.60 -2.93 20.91
N GLU C 235 -8.12 -1.95 21.66
CA GLU C 235 -9.53 -1.97 22.05
C GLU C 235 -10.39 -1.69 20.83
N LEU C 236 -9.92 -0.81 19.95
CA LEU C 236 -10.66 -0.50 18.74
C LEU C 236 -10.73 -1.76 17.90
N TYR C 237 -9.63 -2.51 17.87
CA TYR C 237 -9.54 -3.75 17.11
C TYR C 237 -10.56 -4.78 17.58
N VAL C 238 -10.78 -4.84 18.89
CA VAL C 238 -11.75 -5.76 19.47
C VAL C 238 -13.15 -5.39 18.99
N GLU C 239 -13.47 -4.11 19.10
CA GLU C 239 -14.77 -3.59 18.68
C GLU C 239 -15.01 -3.87 17.19
N LEU C 240 -14.01 -3.57 16.36
CA LEU C 240 -14.12 -3.79 14.92
C LEU C 240 -14.24 -5.27 14.61
N ALA C 241 -13.44 -6.10 15.28
CA ALA C 241 -13.48 -7.53 15.05
C ALA C 241 -14.84 -8.13 15.41
N ALA C 242 -15.45 -7.64 16.49
CA ALA C 242 -16.75 -8.13 16.92
C ALA C 242 -17.80 -7.80 15.87
N ARG C 243 -17.76 -6.55 15.38
CA ARG C 243 -18.70 -6.12 14.37
C ARG C 243 -18.47 -6.90 13.07
N ARG C 244 -17.22 -7.15 12.71
CA ARG C 244 -16.95 -7.91 11.50
C ARG C 244 -17.58 -9.29 11.62
N SER C 245 -17.35 -9.96 12.75
CA SER C 245 -17.90 -11.29 13.00
C SER C 245 -19.41 -11.35 12.90
N GLU C 246 -20.08 -10.35 13.45
CA GLU C 246 -21.54 -10.30 13.42
C GLU C 246 -22.05 -10.03 12.01
N LEU C 247 -21.34 -9.22 11.24
CA LEU C 247 -21.75 -8.95 9.88
C LEU C 247 -21.59 -10.22 9.06
N LEU C 248 -20.50 -10.94 9.32
CA LEU C 248 -20.24 -12.18 8.62
C LEU C 248 -21.37 -13.17 8.90
N ARG C 249 -21.73 -13.29 10.19
CA ARG C 249 -22.80 -14.19 10.60
C ARG C 249 -24.10 -13.91 9.85
N LYS C 250 -24.52 -12.63 9.84
CA LYS C 250 -25.75 -12.25 9.16
C LYS C 250 -25.65 -12.47 7.64
N LEU C 251 -24.53 -12.06 7.06
CA LEU C 251 -24.34 -12.21 5.62
C LEU C 251 -24.29 -13.67 5.18
N THR C 252 -23.64 -14.53 5.97
CA THR C 252 -23.56 -15.93 5.61
C THR C 252 -24.89 -16.64 5.83
N GLU C 253 -25.82 -15.98 6.52
CA GLU C 253 -27.14 -16.56 6.76
C GLU C 253 -27.93 -16.23 5.50
N THR C 254 -27.80 -14.99 5.08
CA THR C 254 -28.48 -14.49 3.89
C THR C 254 -27.97 -15.13 2.61
N PHE C 255 -26.66 -15.12 2.43
CA PHE C 255 -26.04 -15.71 1.24
C PHE C 255 -25.33 -17.00 1.63
N GLY C 256 -25.97 -18.14 1.36
CA GLY C 256 -25.38 -19.41 1.72
C GLY C 256 -24.22 -19.89 0.85
N SER C 257 -23.56 -20.96 1.31
CA SER C 257 -22.41 -21.55 0.64
C SER C 257 -22.77 -22.25 -0.68
N TRP C 258 -21.76 -22.61 -1.44
CA TRP C 258 -21.96 -23.28 -2.73
C TRP C 258 -20.70 -24.00 -3.20
N TYR C 259 -20.84 -24.84 -4.22
CA TYR C 259 -19.70 -25.58 -4.75
C TYR C 259 -19.20 -25.04 -6.09
N GLN C 260 -17.89 -25.11 -6.28
CA GLN C 260 -17.26 -24.64 -7.51
C GLN C 260 -16.23 -25.67 -7.94
N PRO C 261 -16.09 -25.87 -9.26
CA PRO C 261 -15.10 -26.85 -9.72
C PRO C 261 -13.71 -26.36 -9.37
N LYS C 262 -12.85 -27.27 -8.93
CA LYS C 262 -11.49 -26.92 -8.55
C LYS C 262 -10.58 -28.14 -8.57
N GLY C 263 -9.38 -27.99 -9.13
CA GLY C 263 -8.44 -29.09 -9.18
C GLY C 263 -8.61 -30.03 -10.35
N GLY C 264 -9.32 -29.60 -11.38
CA GLY C 264 -9.52 -30.44 -12.54
C GLY C 264 -8.39 -30.27 -13.53
N THR C 265 -7.82 -31.38 -13.99
CA THR C 265 -6.71 -31.35 -14.93
C THR C 265 -7.14 -31.67 -16.36
N GLU C 266 -7.81 -32.82 -16.53
CA GLU C 266 -8.26 -33.27 -17.84
C GLU C 266 -9.35 -32.39 -18.46
N MET C 267 -9.38 -32.37 -19.77
CA MET C 267 -10.37 -31.61 -20.54
C MET C 267 -11.61 -32.48 -20.71
N PHE C 268 -12.80 -31.91 -20.56
CA PHE C 268 -14.01 -32.71 -20.74
C PHE C 268 -14.35 -32.72 -22.22
N CYS C 269 -14.53 -33.92 -22.77
CA CYS C 269 -14.85 -34.07 -24.18
C CYS C 269 -16.20 -34.76 -24.38
N HIS C 270 -16.95 -34.30 -25.38
CA HIS C 270 -18.24 -34.89 -25.69
C HIS C 270 -18.06 -36.40 -25.85
N PRO C 271 -18.82 -37.20 -25.10
CA PRO C 271 -18.72 -38.66 -25.19
C PRO C 271 -19.14 -39.21 -26.55
N ARG C 272 -20.08 -38.53 -27.19
CA ARG C 272 -20.59 -38.92 -28.50
C ARG C 272 -19.56 -38.53 -29.56
N THR C 273 -19.57 -37.26 -29.94
CA THR C 273 -18.65 -36.73 -30.94
C THR C 273 -17.20 -36.84 -30.51
N GLY C 274 -16.95 -36.59 -29.23
CA GLY C 274 -15.59 -36.69 -28.73
C GLY C 274 -14.85 -35.37 -28.83
N LYS C 275 -15.54 -34.30 -29.20
CA LYS C 275 -14.89 -32.99 -29.33
C LYS C 275 -14.67 -32.35 -27.97
N PRO C 276 -13.51 -31.69 -27.79
CA PRO C 276 -13.16 -31.02 -26.53
C PRO C 276 -14.12 -29.89 -26.18
N LEU C 277 -14.58 -29.89 -24.93
CA LEU C 277 -15.50 -28.87 -24.44
C LEU C 277 -14.80 -28.02 -23.37
N PRO C 278 -14.00 -27.03 -23.81
CA PRO C 278 -13.24 -26.13 -22.94
C PRO C 278 -14.08 -25.25 -22.02
N LYS C 279 -15.38 -25.15 -22.29
CA LYS C 279 -16.24 -24.33 -21.45
C LYS C 279 -16.80 -25.09 -20.25
N TYR C 280 -16.69 -26.41 -20.30
CA TYR C 280 -17.15 -27.26 -19.20
C TYR C 280 -16.01 -27.38 -18.21
N PRO C 281 -16.32 -27.57 -16.92
CA PRO C 281 -15.28 -27.70 -15.91
C PRO C 281 -14.29 -28.80 -16.27
N ARG C 282 -13.04 -28.63 -15.87
CA ARG C 282 -12.03 -29.65 -16.14
C ARG C 282 -12.43 -30.84 -15.29
N ILE C 283 -12.14 -32.05 -15.77
CA ILE C 283 -12.50 -33.24 -15.03
C ILE C 283 -11.30 -33.99 -14.51
N LYS C 284 -11.52 -35.21 -14.03
CA LYS C 284 -10.44 -36.01 -13.49
C LYS C 284 -10.81 -37.49 -13.59
N THR C 285 -10.31 -38.16 -14.62
CA THR C 285 -10.58 -39.59 -14.81
C THR C 285 -9.60 -40.39 -14.00
N PRO C 286 -10.08 -41.15 -13.00
CA PRO C 286 -9.18 -41.94 -12.18
C PRO C 286 -8.65 -43.17 -12.93
N LYS C 287 -7.49 -43.66 -12.50
CA LYS C 287 -6.88 -44.83 -13.12
C LYS C 287 -7.02 -46.04 -12.21
N VAL C 288 -6.95 -45.81 -10.91
CA VAL C 288 -7.08 -46.88 -9.93
C VAL C 288 -8.54 -46.95 -9.46
N GLY C 289 -9.07 -48.17 -9.34
CA GLY C 289 -10.43 -48.30 -8.88
C GLY C 289 -11.35 -49.21 -9.68
N GLY C 290 -12.23 -49.89 -8.95
CA GLY C 290 -13.18 -50.81 -9.56
C GLY C 290 -14.23 -51.15 -8.51
N ILE C 291 -15.25 -51.91 -8.89
CA ILE C 291 -16.29 -52.29 -7.94
C ILE C 291 -15.66 -53.16 -6.86
N PHE C 292 -14.89 -54.15 -7.29
CA PHE C 292 -14.23 -55.06 -6.37
C PHE C 292 -12.72 -54.90 -6.42
N LYS C 293 -12.04 -55.52 -5.47
CA LYS C 293 -10.59 -55.49 -5.38
C LYS C 293 -10.11 -56.71 -6.16
N LYS C 294 -8.91 -56.62 -6.75
CA LYS C 294 -8.39 -57.75 -7.52
C LYS C 294 -8.50 -59.07 -6.73
N PRO C 295 -8.83 -60.16 -7.44
CA PRO C 295 -8.98 -61.49 -6.82
C PRO C 295 -7.76 -61.93 -6.01
N GLU C 302 -10.64 -66.49 -5.00
CA GLU C 302 -11.54 -65.61 -5.75
C GLU C 302 -11.96 -66.26 -7.07
N GLY C 303 -11.73 -67.56 -7.15
CA GLY C 303 -12.13 -68.30 -8.33
C GLY C 303 -13.43 -68.96 -7.92
N ARG C 304 -14.52 -68.20 -8.03
CA ARG C 304 -15.86 -68.66 -7.66
C ARG C 304 -16.06 -68.46 -6.16
N GLU C 305 -15.76 -67.26 -5.69
CA GLU C 305 -15.91 -66.88 -4.29
C GLU C 305 -15.81 -65.36 -4.22
N PRO C 306 -16.96 -64.67 -4.33
CA PRO C 306 -17.11 -63.21 -4.29
C PRO C 306 -15.89 -62.38 -3.92
N CYS C 307 -15.36 -61.66 -4.91
CA CYS C 307 -14.20 -60.80 -4.68
C CYS C 307 -14.58 -59.73 -3.65
N GLU C 308 -13.63 -59.42 -2.76
CA GLU C 308 -13.87 -58.42 -1.74
C GLU C 308 -14.15 -57.06 -2.39
N LEU C 309 -15.25 -56.44 -1.99
CA LEU C 309 -15.64 -55.14 -2.53
C LEU C 309 -14.57 -54.09 -2.29
N ASP C 310 -14.36 -53.24 -3.30
CA ASP C 310 -13.37 -52.18 -3.21
C ASP C 310 -13.98 -50.96 -2.51
N THR C 311 -13.61 -50.76 -1.26
CA THR C 311 -14.11 -49.63 -0.48
C THR C 311 -13.74 -48.31 -1.17
N ARG C 312 -12.91 -48.41 -2.21
CA ARG C 312 -12.47 -47.23 -2.95
C ARG C 312 -13.66 -46.36 -3.38
N GLU C 313 -13.46 -45.06 -3.31
CA GLU C 313 -14.47 -44.07 -3.65
C GLU C 313 -14.53 -43.82 -5.17
N TYR C 314 -13.53 -44.28 -5.90
CA TYR C 314 -13.50 -44.07 -7.35
C TYR C 314 -13.54 -45.36 -8.16
N VAL C 315 -13.66 -45.19 -9.48
CA VAL C 315 -13.70 -46.30 -10.42
C VAL C 315 -13.01 -45.87 -11.71
N ALA C 316 -11.89 -46.52 -12.02
CA ALA C 316 -11.13 -46.20 -13.24
C ALA C 316 -12.05 -46.12 -14.45
N GLY C 317 -11.93 -45.02 -15.20
CA GLY C 317 -12.74 -44.85 -16.38
C GLY C 317 -13.86 -43.83 -16.21
N ALA C 318 -14.58 -43.92 -15.09
CA ALA C 318 -15.69 -43.01 -14.80
C ALA C 318 -15.20 -41.64 -14.35
N PRO C 319 -15.34 -40.62 -15.21
CA PRO C 319 -14.90 -39.26 -14.91
C PRO C 319 -15.83 -38.49 -13.96
N TYR C 320 -15.25 -37.54 -13.22
CA TYR C 320 -16.03 -36.72 -12.29
C TYR C 320 -15.42 -35.32 -12.25
N THR C 321 -16.16 -34.37 -11.71
CA THR C 321 -15.67 -33.01 -11.62
C THR C 321 -15.29 -32.64 -10.20
N PRO C 322 -13.99 -32.43 -9.94
CA PRO C 322 -13.50 -32.06 -8.61
C PRO C 322 -14.11 -30.72 -8.21
N VAL C 323 -14.55 -30.60 -6.97
CA VAL C 323 -15.15 -29.34 -6.53
C VAL C 323 -14.73 -28.98 -5.13
N GLU C 324 -14.84 -27.70 -4.81
CA GLU C 324 -14.49 -27.19 -3.49
C GLU C 324 -15.75 -26.52 -2.92
N HIS C 325 -15.92 -26.57 -1.61
CA HIS C 325 -17.06 -25.92 -0.98
C HIS C 325 -16.60 -24.52 -0.61
N VAL C 326 -17.35 -23.50 -1.03
CA VAL C 326 -16.97 -22.13 -0.70
C VAL C 326 -18.04 -21.36 0.06
N VAL C 327 -17.59 -20.66 1.09
CA VAL C 327 -18.45 -19.86 1.96
C VAL C 327 -18.44 -18.40 1.50
N PHE C 328 -19.60 -17.76 1.50
CA PHE C 328 -19.68 -16.37 1.08
C PHE C 328 -18.67 -15.51 1.82
N ASN C 329 -17.85 -14.77 1.08
CA ASN C 329 -16.84 -13.89 1.66
C ASN C 329 -17.18 -12.46 1.26
N PRO C 330 -17.68 -11.66 2.20
CA PRO C 330 -18.06 -10.26 1.93
C PRO C 330 -16.93 -9.40 1.36
N SER C 331 -15.70 -9.87 1.50
CA SER C 331 -14.54 -9.13 0.98
C SER C 331 -14.27 -9.45 -0.49
N SER C 332 -14.90 -10.51 -0.98
CA SER C 332 -14.72 -10.92 -2.37
C SER C 332 -15.70 -10.21 -3.29
N ARG C 333 -15.18 -9.38 -4.18
CA ARG C 333 -16.03 -8.65 -5.11
C ARG C 333 -16.71 -9.66 -6.03
N ASP C 334 -16.04 -10.79 -6.26
CA ASP C 334 -16.58 -11.82 -7.13
C ASP C 334 -17.81 -12.42 -6.47
N HIS C 335 -17.67 -12.81 -5.20
CA HIS C 335 -18.79 -13.39 -4.46
C HIS C 335 -19.98 -12.43 -4.45
N ILE C 336 -19.73 -11.18 -4.08
CA ILE C 336 -20.79 -10.18 -4.03
C ILE C 336 -21.46 -10.09 -5.40
N GLN C 337 -20.65 -10.10 -6.44
CA GLN C 337 -21.14 -10.02 -7.82
C GLN C 337 -22.07 -11.19 -8.14
N LYS C 338 -21.62 -12.39 -7.80
CA LYS C 338 -22.37 -13.61 -8.04
C LYS C 338 -23.73 -13.61 -7.36
N LYS C 339 -23.73 -13.39 -6.05
CA LYS C 339 -24.97 -13.38 -5.27
C LYS C 339 -25.96 -12.30 -5.67
N LEU C 340 -25.48 -11.09 -5.97
CA LEU C 340 -26.38 -10.02 -6.36
C LEU C 340 -27.02 -10.21 -7.73
N GLN C 341 -26.28 -10.73 -8.71
CA GLN C 341 -26.89 -10.95 -10.02
C GLN C 341 -27.89 -12.08 -9.90
N GLU C 342 -27.59 -13.03 -9.03
CA GLU C 342 -28.47 -14.16 -8.78
C GLU C 342 -29.74 -13.68 -8.11
N ALA C 343 -29.71 -12.42 -7.66
CA ALA C 343 -30.86 -11.82 -7.01
C ALA C 343 -31.55 -10.86 -7.97
N GLY C 344 -31.16 -10.91 -9.23
CA GLY C 344 -31.79 -10.07 -10.24
C GLY C 344 -31.08 -8.77 -10.57
N TRP C 345 -29.90 -8.55 -10.01
CA TRP C 345 -29.16 -7.32 -10.29
C TRP C 345 -28.59 -7.35 -11.69
N VAL C 346 -28.73 -6.24 -12.41
CA VAL C 346 -28.21 -6.14 -13.77
C VAL C 346 -27.03 -5.18 -13.79
N PRO C 347 -25.80 -5.71 -13.74
CA PRO C 347 -24.61 -4.87 -13.75
C PRO C 347 -24.61 -3.91 -14.94
N THR C 348 -24.38 -2.64 -14.67
CA THR C 348 -24.34 -1.62 -15.70
C THR C 348 -22.91 -1.41 -16.20
N LYS C 349 -22.03 -0.99 -15.28
CA LYS C 349 -20.64 -0.74 -15.65
C LYS C 349 -19.70 -1.86 -15.23
N TYR C 350 -18.79 -2.21 -16.14
CA TYR C 350 -17.81 -3.25 -15.90
C TYR C 350 -16.41 -2.65 -15.93
N THR C 351 -15.40 -3.50 -15.78
CA THR C 351 -14.01 -3.04 -15.78
C THR C 351 -13.32 -3.40 -17.09
N ASP C 352 -12.17 -2.81 -17.32
CA ASP C 352 -11.39 -3.08 -18.54
C ASP C 352 -10.77 -4.47 -18.41
N LYS C 353 -11.62 -5.46 -18.17
CA LYS C 353 -11.20 -6.85 -18.04
C LYS C 353 -12.44 -7.73 -17.94
N GLY C 354 -13.61 -7.12 -18.13
CA GLY C 354 -14.85 -7.86 -18.10
C GLY C 354 -15.50 -8.15 -16.75
N ALA C 355 -14.99 -7.54 -15.69
CA ALA C 355 -15.56 -7.76 -14.37
C ALA C 355 -16.50 -6.62 -14.00
N PRO C 356 -17.65 -6.94 -13.40
CA PRO C 356 -18.58 -5.88 -13.03
C PRO C 356 -18.00 -5.05 -11.89
N VAL C 357 -18.15 -3.74 -11.98
CA VAL C 357 -17.64 -2.86 -10.93
C VAL C 357 -18.43 -3.11 -9.66
N VAL C 358 -17.72 -3.22 -8.53
CA VAL C 358 -18.36 -3.44 -7.25
C VAL C 358 -17.76 -2.50 -6.22
N ASP C 359 -17.86 -1.20 -6.46
CA ASP C 359 -17.36 -0.21 -5.53
C ASP C 359 -18.56 0.32 -4.75
N ASP C 360 -18.34 1.33 -3.92
CA ASP C 360 -19.43 1.88 -3.12
C ASP C 360 -20.52 2.60 -3.92
N GLU C 361 -20.16 3.18 -5.05
CA GLU C 361 -21.14 3.89 -5.87
C GLU C 361 -22.20 2.93 -6.38
N VAL C 362 -21.77 1.81 -6.98
CA VAL C 362 -22.72 0.84 -7.51
C VAL C 362 -23.52 0.16 -6.40
N LEU C 363 -22.83 -0.29 -5.35
CA LEU C 363 -23.51 -0.95 -4.25
C LEU C 363 -24.66 -0.08 -3.75
N GLU C 364 -24.40 1.20 -3.54
CA GLU C 364 -25.42 2.13 -3.07
C GLU C 364 -26.59 2.21 -4.04
N GLY C 365 -26.34 1.89 -5.31
CA GLY C 365 -27.39 1.96 -6.31
C GLY C 365 -28.03 0.63 -6.70
N VAL C 366 -27.50 -0.47 -6.20
CA VAL C 366 -28.05 -1.79 -6.50
C VAL C 366 -29.46 -1.92 -5.94
N ARG C 367 -30.34 -2.58 -6.69
CA ARG C 367 -31.72 -2.80 -6.28
C ARG C 367 -32.18 -4.21 -6.64
N VAL C 368 -32.56 -4.98 -5.62
CA VAL C 368 -33.05 -6.33 -5.82
C VAL C 368 -34.43 -6.45 -5.17
N ASP C 369 -35.23 -7.39 -5.64
CA ASP C 369 -36.57 -7.56 -5.10
C ASP C 369 -36.63 -8.09 -3.66
N ASP C 370 -35.85 -9.11 -3.34
CA ASP C 370 -35.88 -9.65 -1.98
C ASP C 370 -35.35 -8.63 -0.98
N PRO C 371 -36.23 -8.10 -0.12
CA PRO C 371 -35.88 -7.11 0.90
C PRO C 371 -34.76 -7.48 1.85
N GLU C 372 -34.54 -8.78 2.07
CA GLU C 372 -33.47 -9.19 2.97
C GLU C 372 -32.11 -8.95 2.31
N LYS C 373 -31.98 -9.42 1.06
CA LYS C 373 -30.75 -9.24 0.31
C LYS C 373 -30.56 -7.75 0.03
N GLN C 374 -31.67 -7.05 -0.19
CA GLN C 374 -31.60 -5.62 -0.44
C GLN C 374 -30.96 -4.96 0.77
N ALA C 375 -31.25 -5.50 1.95
CA ALA C 375 -30.72 -4.98 3.20
C ALA C 375 -29.30 -5.46 3.45
N ALA C 376 -28.95 -6.61 2.87
CA ALA C 376 -27.60 -7.15 3.07
C ALA C 376 -26.57 -6.29 2.34
N ILE C 377 -27.03 -5.52 1.37
CA ILE C 377 -26.13 -4.64 0.62
C ILE C 377 -25.55 -3.57 1.54
N ASP C 378 -26.31 -3.15 2.54
CA ASP C 378 -25.78 -2.15 3.47
C ASP C 378 -24.78 -2.81 4.42
N LEU C 379 -25.05 -4.07 4.77
CA LEU C 379 -24.15 -4.80 5.66
C LEU C 379 -22.81 -5.02 4.96
N ILE C 380 -22.85 -5.19 3.64
CA ILE C 380 -21.65 -5.40 2.84
C ILE C 380 -20.83 -4.10 2.80
N LYS C 381 -21.52 -2.97 2.62
CA LYS C 381 -20.84 -1.68 2.57
C LYS C 381 -20.07 -1.54 3.88
N GLU C 382 -20.77 -1.71 4.99
CA GLU C 382 -20.19 -1.60 6.32
C GLU C 382 -19.01 -2.56 6.50
N TYR C 383 -19.22 -3.82 6.10
CA TYR C 383 -18.18 -4.84 6.24
C TYR C 383 -16.88 -4.44 5.54
N LEU C 384 -16.99 -3.93 4.31
CA LEU C 384 -15.80 -3.55 3.58
C LEU C 384 -15.08 -2.41 4.31
N MET C 385 -15.84 -1.44 4.79
CA MET C 385 -15.24 -0.32 5.50
C MET C 385 -14.57 -0.82 6.78
N ILE C 386 -15.23 -1.72 7.50
CA ILE C 386 -14.68 -2.29 8.73
C ILE C 386 -13.34 -2.96 8.43
N GLN C 387 -13.27 -3.65 7.30
CA GLN C 387 -12.05 -4.33 6.90
C GLN C 387 -10.93 -3.36 6.63
N LYS C 388 -11.27 -2.27 5.97
CA LYS C 388 -10.31 -1.23 5.64
C LYS C 388 -9.66 -0.76 6.96
N ARG C 389 -10.49 -0.54 7.99
CA ARG C 389 -9.98 -0.08 9.28
C ARG C 389 -9.15 -1.13 10.01
N ILE C 390 -9.64 -2.37 9.99
CA ILE C 390 -8.93 -3.46 10.64
C ILE C 390 -7.59 -3.68 9.95
N GLY C 391 -7.61 -3.74 8.62
CA GLY C 391 -6.37 -3.96 7.90
C GLY C 391 -5.31 -2.91 8.21
N GLN C 392 -5.70 -1.65 8.18
CA GLN C 392 -4.77 -0.55 8.43
C GLN C 392 -4.30 -0.44 9.88
N SER C 393 -5.18 -0.72 10.82
CA SER C 393 -4.83 -0.59 12.23
C SER C 393 -4.25 -1.84 12.87
N ALA C 394 -4.73 -3.01 12.48
CA ALA C 394 -4.24 -4.22 13.13
C ALA C 394 -3.79 -5.44 12.35
N GLU C 395 -4.48 -5.80 11.27
CA GLU C 395 -4.10 -7.04 10.57
C GLU C 395 -3.23 -6.95 9.34
N GLY C 396 -3.23 -5.79 8.68
CA GLY C 396 -2.41 -5.62 7.48
C GLY C 396 -0.95 -5.83 7.76
N ASP C 397 -0.15 -5.99 6.70
CA ASP C 397 1.28 -6.21 6.84
C ASP C 397 1.96 -4.97 7.42
N LYS C 398 1.37 -3.80 7.15
CA LYS C 398 1.89 -2.53 7.64
C LYS C 398 0.96 -1.93 8.68
N ALA C 399 0.23 -2.78 9.39
CA ALA C 399 -0.69 -2.30 10.42
C ALA C 399 0.02 -1.55 11.53
N TRP C 400 -0.63 -0.53 12.07
CA TRP C 400 -0.05 0.29 13.14
C TRP C 400 0.39 -0.58 14.32
N LEU C 401 -0.41 -1.57 14.67
CA LEU C 401 -0.06 -2.43 15.80
C LEU C 401 1.19 -3.27 15.54
N ARG C 402 1.55 -3.48 14.28
CA ARG C 402 2.75 -4.25 13.97
C ARG C 402 3.96 -3.33 13.97
N TYR C 403 3.71 -2.03 13.91
CA TYR C 403 4.80 -1.07 13.85
C TYR C 403 5.13 -0.29 15.12
N VAL C 404 4.34 -0.45 16.17
CA VAL C 404 4.63 0.26 17.42
C VAL C 404 5.98 -0.21 17.94
N ALA C 405 6.88 0.71 18.24
CA ALA C 405 8.19 0.34 18.75
C ALA C 405 8.12 0.21 20.28
N GLU C 406 9.25 -0.14 20.90
CA GLU C 406 9.29 -0.30 22.35
C GLU C 406 9.16 1.04 23.05
N ASP C 407 9.50 2.11 22.34
CA ASP C 407 9.41 3.44 22.93
C ASP C 407 8.00 4.00 22.84
N GLY C 408 7.05 3.14 22.49
CA GLY C 408 5.65 3.56 22.39
C GLY C 408 5.31 4.49 21.24
N LYS C 409 6.18 4.53 20.23
CA LYS C 409 5.94 5.39 19.08
C LYS C 409 6.04 4.59 17.80
N ILE C 410 5.48 5.16 16.73
CA ILE C 410 5.53 4.55 15.41
C ILE C 410 6.48 5.45 14.62
N HIS C 411 7.54 4.84 14.08
CA HIS C 411 8.54 5.59 13.34
C HIS C 411 8.36 5.43 11.84
N GLY C 412 7.28 6.03 11.33
CA GLY C 412 7.01 5.98 9.92
C GLY C 412 8.16 6.50 9.09
N SER C 413 8.37 5.88 7.94
CA SER C 413 9.45 6.28 7.06
C SER C 413 9.01 7.38 6.08
N VAL C 414 9.98 8.15 5.60
CA VAL C 414 9.67 9.20 4.66
C VAL C 414 10.72 9.32 3.57
N ASN C 415 10.25 9.34 2.33
CA ASN C 415 11.13 9.54 1.20
C ASN C 415 10.87 11.02 0.98
N PRO C 416 11.76 11.89 1.45
CA PRO C 416 11.64 13.35 1.34
C PRO C 416 11.30 13.90 -0.04
N ASN C 417 11.68 13.18 -1.09
CA ASN C 417 11.41 13.64 -2.45
C ASN C 417 10.92 12.51 -3.34
N GLY C 418 10.08 11.64 -2.77
CA GLY C 418 9.56 10.49 -3.48
C GLY C 418 8.59 10.71 -4.61
N ALA C 419 7.88 11.83 -4.64
CA ALA C 419 6.92 12.11 -5.70
C ALA C 419 7.60 12.96 -6.76
N VAL C 420 7.25 12.77 -8.02
CA VAL C 420 7.85 13.52 -9.12
C VAL C 420 7.78 15.05 -8.94
N THR C 421 6.70 15.53 -8.33
CA THR C 421 6.50 16.95 -8.12
C THR C 421 7.35 17.58 -7.03
N GLY C 422 8.01 16.75 -6.22
CA GLY C 422 8.83 17.30 -5.17
C GLY C 422 8.22 17.03 -3.81
N ARG C 423 7.04 16.43 -3.82
CA ARG C 423 6.36 16.07 -2.58
C ARG C 423 7.12 14.87 -2.03
N ALA C 424 6.85 14.53 -0.79
CA ALA C 424 7.49 13.40 -0.15
C ALA C 424 6.49 12.25 -0.24
N THR C 425 6.93 11.04 0.09
CA THR C 425 6.07 9.87 0.11
C THR C 425 6.28 9.30 1.51
N HIS C 426 5.28 8.57 2.01
CA HIS C 426 5.35 8.02 3.35
C HIS C 426 4.98 6.55 3.34
N ALA C 427 5.69 5.76 4.13
CA ALA C 427 5.40 4.34 4.18
C ALA C 427 5.95 3.67 5.43
N PHE C 428 5.44 2.47 5.70
CA PHE C 428 5.89 1.66 6.82
C PHE C 428 5.69 2.19 8.23
N PRO C 429 4.45 2.57 8.58
CA PRO C 429 3.25 2.57 7.75
C PRO C 429 3.12 3.96 7.16
N ASN C 430 2.17 4.17 6.27
CA ASN C 430 2.00 5.49 5.67
C ASN C 430 1.24 6.42 6.62
N LEU C 431 1.97 7.29 7.31
CA LEU C 431 1.32 8.20 8.25
C LEU C 431 0.59 9.35 7.58
N ALA C 432 0.66 9.39 6.25
CA ALA C 432 -0.01 10.42 5.47
C ALA C 432 -1.36 9.92 4.94
N GLN C 433 -1.83 8.78 5.46
CA GLN C 433 -3.13 8.26 5.03
C GLN C 433 -3.97 7.78 6.21
N ILE C 434 -3.79 8.40 7.38
CA ILE C 434 -4.58 8.02 8.56
C ILE C 434 -6.00 8.52 8.30
N PRO C 435 -7.03 7.69 8.58
CA PRO C 435 -8.41 8.13 8.35
C PRO C 435 -8.74 9.49 8.94
N GLY C 436 -9.50 10.29 8.22
CA GLY C 436 -9.86 11.62 8.71
C GLY C 436 -10.80 11.52 9.90
N VAL C 437 -10.76 12.49 10.80
CA VAL C 437 -11.63 12.45 11.97
C VAL C 437 -13.12 12.39 11.66
N ARG C 438 -13.54 12.84 10.48
CA ARG C 438 -14.95 12.81 10.13
C ARG C 438 -15.43 11.55 9.43
N SER C 439 -14.53 10.60 9.19
CA SER C 439 -14.92 9.35 8.55
C SER C 439 -15.18 8.34 9.65
N PRO C 440 -15.89 7.25 9.34
CA PRO C 440 -16.16 6.24 10.36
C PRO C 440 -14.90 5.78 11.11
N TYR C 441 -14.97 5.84 12.45
CA TYR C 441 -13.85 5.43 13.31
C TYR C 441 -12.67 6.38 13.24
N GLY C 442 -12.81 7.45 12.45
CA GLY C 442 -11.75 8.40 12.30
C GLY C 442 -11.27 9.02 13.62
N GLU C 443 -12.20 9.44 14.46
CA GLU C 443 -11.83 10.05 15.73
C GLU C 443 -10.94 9.15 16.55
N GLN C 444 -11.33 7.89 16.68
CA GLN C 444 -10.56 6.94 17.45
C GLN C 444 -9.18 6.72 16.81
N CYS C 445 -9.15 6.62 15.49
CA CYS C 445 -7.87 6.41 14.79
C CYS C 445 -6.94 7.60 14.99
N ARG C 446 -7.48 8.79 14.77
CA ARG C 446 -6.74 10.03 14.87
C ARG C 446 -6.29 10.37 16.29
N ALA C 447 -7.14 10.11 17.29
CA ALA C 447 -6.79 10.41 18.68
C ALA C 447 -5.68 9.50 19.20
N ALA C 448 -5.51 8.34 18.58
CA ALA C 448 -4.48 7.41 19.01
C ALA C 448 -3.08 7.91 18.67
N PHE C 449 -2.99 8.91 17.79
CA PHE C 449 -1.70 9.49 17.43
C PHE C 449 -1.68 10.85 18.11
N GLY C 450 -0.85 11.02 19.13
CA GLY C 450 -0.82 12.31 19.80
C GLY C 450 0.27 12.49 20.83
N ALA C 451 0.70 13.74 20.99
CA ALA C 451 1.75 14.08 21.94
C ALA C 451 1.35 13.68 23.36
N GLU C 452 0.05 13.67 23.65
CA GLU C 452 -0.42 13.31 24.98
C GLU C 452 0.08 11.92 25.35
N HIS C 453 0.21 11.05 24.37
CA HIS C 453 0.65 9.68 24.60
C HIS C 453 2.15 9.57 24.89
N HIS C 454 2.84 10.69 25.03
CA HIS C 454 4.26 10.64 25.38
C HIS C 454 4.43 11.36 26.71
N LEU C 455 5.01 10.67 27.68
CA LEU C 455 5.24 11.23 28.99
C LEU C 455 6.67 11.77 29.06
N ASP C 456 6.82 13.00 29.54
CA ASP C 456 8.15 13.60 29.62
C ASP C 456 9.10 12.67 30.36
N GLY C 457 10.34 12.62 29.90
CA GLY C 457 11.32 11.75 30.52
C GLY C 457 11.71 12.13 31.93
N ILE C 458 11.45 13.38 32.31
CA ILE C 458 11.81 13.84 33.65
C ILE C 458 10.61 13.93 34.57
N THR C 459 9.64 14.75 34.19
CA THR C 459 8.45 14.99 34.99
C THR C 459 7.31 14.00 34.80
N GLY C 460 7.41 13.14 33.80
CA GLY C 460 6.34 12.19 33.56
C GLY C 460 5.03 12.81 33.08
N LYS C 461 5.01 14.12 32.82
CA LYS C 461 3.79 14.75 32.37
C LYS C 461 3.62 14.60 30.86
N PRO C 462 2.40 14.40 30.40
CA PRO C 462 2.21 14.26 28.95
C PRO C 462 2.58 15.53 28.18
N TRP C 463 2.98 15.35 26.92
CA TRP C 463 3.34 16.47 26.07
C TRP C 463 2.09 17.02 25.38
N VAL C 464 2.22 18.18 24.74
CA VAL C 464 1.10 18.80 24.03
C VAL C 464 1.42 18.82 22.54
N GLN C 465 0.38 18.87 21.72
CA GLN C 465 0.57 18.85 20.28
C GLN C 465 0.23 20.16 19.58
N ALA C 466 1.05 20.52 18.61
CA ALA C 466 0.83 21.72 17.81
C ALA C 466 0.67 21.27 16.36
N GLY C 467 -0.51 21.51 15.80
CA GLY C 467 -0.78 21.13 14.43
C GLY C 467 -0.87 22.38 13.59
N ILE C 468 -0.06 22.47 12.54
CA ILE C 468 -0.10 23.64 11.66
C ILE C 468 -0.26 23.20 10.21
N ASP C 469 -1.21 23.81 9.51
CA ASP C 469 -1.47 23.46 8.12
C ASP C 469 -1.54 24.71 7.26
N ALA C 470 -0.89 24.67 6.10
CA ALA C 470 -0.90 25.80 5.18
C ALA C 470 -2.31 26.02 4.63
N SER C 471 -2.80 27.25 4.69
CA SER C 471 -4.15 27.58 4.22
C SER C 471 -4.31 27.63 2.70
N GLY C 472 -5.29 26.87 2.18
CA GLY C 472 -5.59 26.83 0.76
C GLY C 472 -4.38 26.87 -0.14
N LEU C 473 -3.35 26.13 0.27
CA LEU C 473 -2.08 26.08 -0.44
C LEU C 473 -2.07 26.13 -1.96
N GLU C 474 -2.60 25.10 -2.62
CA GLU C 474 -2.52 25.11 -4.06
C GLU C 474 -3.37 26.14 -4.79
N LEU C 475 -4.41 26.65 -4.15
CA LEU C 475 -5.20 27.70 -4.78
C LEU C 475 -4.39 28.99 -4.71
N ARG C 476 -3.61 29.17 -3.64
CA ARG C 476 -2.78 30.36 -3.54
C ARG C 476 -1.64 30.24 -4.54
N CYS C 477 -1.24 29.01 -4.84
CA CYS C 477 -0.18 28.80 -5.83
C CYS C 477 -0.76 29.19 -7.19
N LEU C 478 -2.04 28.84 -7.42
CA LEU C 478 -2.70 29.19 -8.67
C LEU C 478 -2.72 30.71 -8.77
N ALA C 479 -3.21 31.35 -7.72
CA ALA C 479 -3.29 32.81 -7.70
C ALA C 479 -1.94 33.43 -8.07
N HIS C 480 -0.87 32.86 -7.53
CA HIS C 480 0.48 33.34 -7.81
C HIS C 480 0.81 33.30 -9.29
N PHE C 481 0.70 32.10 -9.87
CA PHE C 481 1.04 31.93 -11.28
C PHE C 481 0.12 32.66 -12.26
N MET C 482 -1.12 32.94 -11.88
CA MET C 482 -1.96 33.66 -12.83
C MET C 482 -1.98 35.16 -12.60
N ALA C 483 -1.17 35.62 -11.64
CA ALA C 483 -1.07 37.05 -11.33
C ALA C 483 -0.57 37.86 -12.53
N ARG C 484 0.17 37.23 -13.43
CA ARG C 484 0.68 37.93 -14.60
C ARG C 484 -0.42 38.10 -15.63
N PHE C 485 -1.54 37.41 -15.44
CA PHE C 485 -2.67 37.47 -16.36
C PHE C 485 -3.81 38.33 -15.81
N ASP C 486 -4.01 38.30 -14.49
CA ASP C 486 -5.08 39.08 -13.88
C ASP C 486 -4.57 40.12 -12.88
N ASN C 487 -3.27 40.41 -12.92
CA ASN C 487 -2.66 41.38 -12.02
C ASN C 487 -2.92 41.18 -10.54
N GLY C 488 -2.99 39.92 -10.09
CA GLY C 488 -3.21 39.66 -8.68
C GLY C 488 -4.66 39.74 -8.24
N GLU C 489 -5.56 39.78 -9.21
CA GLU C 489 -6.98 39.86 -8.90
C GLU C 489 -7.40 38.69 -8.01
N TYR C 490 -7.19 37.46 -8.48
CA TYR C 490 -7.55 36.29 -7.70
C TYR C 490 -6.76 36.22 -6.40
N ALA C 491 -5.48 36.57 -6.45
CA ALA C 491 -4.64 36.55 -5.26
C ALA C 491 -5.22 37.44 -4.17
N HIS C 492 -5.89 38.51 -4.60
CA HIS C 492 -6.50 39.43 -3.65
C HIS C 492 -7.84 38.90 -3.15
N GLU C 493 -8.63 38.38 -4.08
CA GLU C 493 -9.94 37.84 -3.74
C GLU C 493 -9.84 36.61 -2.85
N ILE C 494 -8.81 35.82 -3.06
CA ILE C 494 -8.62 34.59 -2.31
C ILE C 494 -8.51 34.79 -0.80
N LEU C 495 -7.99 35.93 -0.37
CA LEU C 495 -7.85 36.15 1.05
C LEU C 495 -8.98 36.94 1.68
N ASN C 496 -10.13 36.93 1.00
CA ASN C 496 -11.33 37.60 1.50
C ASN C 496 -12.22 36.52 2.10
N GLY C 497 -11.92 36.15 3.34
CA GLY C 497 -12.66 35.08 3.99
C GLY C 497 -12.05 33.77 3.52
N ASP C 498 -12.41 32.65 4.12
CA ASP C 498 -11.87 31.36 3.69
C ASP C 498 -12.32 30.96 2.29
N ILE C 499 -11.37 30.74 1.40
CA ILE C 499 -11.65 30.38 0.01
C ILE C 499 -12.45 29.09 -0.16
N HIS C 500 -12.14 28.05 0.61
CA HIS C 500 -12.87 26.79 0.47
C HIS C 500 -14.29 26.89 1.00
N THR C 501 -14.47 27.66 2.06
CA THR C 501 -15.81 27.84 2.62
C THR C 501 -16.64 28.67 1.64
N LYS C 502 -16.00 29.66 1.02
CA LYS C 502 -16.68 30.53 0.07
C LYS C 502 -17.12 29.71 -1.14
N ASN C 503 -16.22 28.86 -1.65
CA ASN C 503 -16.55 28.02 -2.81
C ASN C 503 -17.67 27.03 -2.46
N GLN C 504 -17.63 26.50 -1.24
CA GLN C 504 -18.61 25.54 -0.77
C GLN C 504 -20.01 26.14 -0.95
N ILE C 505 -20.21 27.33 -0.41
CA ILE C 505 -21.47 28.05 -0.47
C ILE C 505 -21.91 28.27 -1.91
N ALA C 506 -21.10 28.98 -2.67
CA ALA C 506 -21.43 29.25 -4.07
C ALA C 506 -21.74 27.95 -4.80
N ALA C 507 -20.86 26.96 -4.65
CA ALA C 507 -21.05 25.67 -5.31
C ALA C 507 -22.17 24.89 -4.63
N GLU C 508 -22.70 25.45 -3.55
CA GLU C 508 -23.79 24.84 -2.82
C GLU C 508 -23.45 23.40 -2.44
N LEU C 509 -22.27 23.19 -1.86
CA LEU C 509 -21.84 21.87 -1.45
C LEU C 509 -22.08 21.63 0.04
N PRO C 510 -22.29 20.35 0.42
CA PRO C 510 -22.54 19.94 1.81
C PRO C 510 -21.44 20.23 2.84
N THR C 511 -20.20 19.83 2.55
CA THR C 511 -19.10 20.04 3.48
C THR C 511 -17.94 20.86 2.91
N ARG C 512 -17.15 21.44 3.80
CA ARG C 512 -16.00 22.24 3.40
C ARG C 512 -14.97 21.35 2.73
N ASP C 513 -14.91 20.09 3.15
CA ASP C 513 -13.97 19.14 2.56
C ASP C 513 -14.41 18.82 1.14
N ASN C 514 -15.72 18.72 0.95
CA ASN C 514 -16.26 18.41 -0.36
C ASN C 514 -15.95 19.54 -1.35
N ALA C 515 -15.85 20.77 -0.85
CA ALA C 515 -15.57 21.90 -1.71
C ALA C 515 -14.10 21.86 -2.17
N LYS C 516 -13.24 21.31 -1.32
CA LYS C 516 -11.81 21.20 -1.64
C LYS C 516 -11.60 20.14 -2.71
N THR C 517 -12.20 18.97 -2.50
CA THR C 517 -12.08 17.89 -3.46
C THR C 517 -12.66 18.35 -4.81
N PHE C 518 -13.70 19.18 -4.74
CA PHE C 518 -14.32 19.71 -5.95
C PHE C 518 -13.41 20.71 -6.66
N ILE C 519 -13.01 21.75 -5.94
CA ILE C 519 -12.18 22.78 -6.52
C ILE C 519 -10.90 22.22 -7.13
N TYR C 520 -10.24 21.30 -6.44
CA TYR C 520 -9.01 20.75 -6.97
C TYR C 520 -9.26 19.73 -8.08
N GLY C 521 -10.42 19.11 -8.05
CA GLY C 521 -10.75 18.16 -9.10
C GLY C 521 -10.97 18.96 -10.37
N PHE C 522 -11.70 20.07 -10.22
CA PHE C 522 -11.98 20.97 -11.33
C PHE C 522 -10.70 21.61 -11.86
N LEU C 523 -9.96 22.25 -10.96
CA LEU C 523 -8.72 22.90 -11.35
C LEU C 523 -7.77 21.99 -12.12
N TYR C 524 -7.72 20.71 -11.76
CA TYR C 524 -6.81 19.80 -12.43
C TYR C 524 -7.36 18.86 -13.52
N GLY C 525 -8.35 19.34 -14.28
CA GLY C 525 -8.88 18.56 -15.39
C GLY C 525 -9.98 17.51 -15.26
N ALA C 526 -10.72 17.48 -14.15
CA ALA C 526 -11.78 16.49 -14.01
C ALA C 526 -12.85 16.74 -15.08
N GLY C 527 -13.38 15.65 -15.65
CA GLY C 527 -14.40 15.78 -16.68
C GLY C 527 -15.75 16.18 -16.09
N ASP C 528 -16.70 16.53 -16.96
CA ASP C 528 -18.03 16.93 -16.50
C ASP C 528 -18.63 15.87 -15.58
N GLU C 529 -18.47 14.61 -15.96
CA GLU C 529 -19.01 13.51 -15.17
C GLU C 529 -18.31 13.33 -13.84
N LYS C 530 -16.98 13.29 -13.85
CA LYS C 530 -16.24 13.12 -12.61
C LYS C 530 -16.61 14.23 -11.63
N ILE C 531 -16.75 15.45 -12.13
CA ILE C 531 -17.12 16.57 -11.28
C ILE C 531 -18.47 16.24 -10.63
N GLY C 532 -19.38 15.69 -11.43
CA GLY C 532 -20.69 15.34 -10.91
C GLY C 532 -20.58 14.36 -9.76
N GLN C 533 -19.82 13.29 -9.99
CA GLN C 533 -19.64 12.26 -8.96
C GLN C 533 -19.17 12.87 -7.64
N ILE C 534 -18.19 13.75 -7.72
CA ILE C 534 -17.63 14.42 -6.55
C ILE C 534 -18.67 15.25 -5.78
N VAL C 535 -19.59 15.87 -6.49
CA VAL C 535 -20.62 16.68 -5.85
C VAL C 535 -21.91 15.90 -5.68
N GLY C 536 -21.90 14.63 -6.04
CA GLY C 536 -23.07 13.79 -5.93
C GLY C 536 -24.19 14.22 -6.86
N ALA C 537 -23.88 14.33 -8.15
CA ALA C 537 -24.85 14.73 -9.15
C ALA C 537 -24.54 14.08 -10.51
N GLY C 538 -25.08 14.66 -11.57
CA GLY C 538 -24.84 14.13 -12.90
C GLY C 538 -23.80 14.93 -13.68
N LYS C 539 -23.65 14.59 -14.96
CA LYS C 539 -22.69 15.27 -15.81
C LYS C 539 -23.17 16.69 -16.15
N GLU C 540 -24.48 16.90 -16.06
CA GLU C 540 -25.07 18.19 -16.36
C GLU C 540 -24.67 19.18 -15.27
N ARG C 541 -24.74 18.71 -14.03
CA ARG C 541 -24.36 19.53 -12.88
C ARG C 541 -22.85 19.76 -12.96
N GLY C 542 -22.15 18.78 -13.52
CA GLY C 542 -20.72 18.89 -13.66
C GLY C 542 -20.39 20.04 -14.59
N LYS C 543 -21.07 20.09 -15.74
CA LYS C 543 -20.85 21.15 -16.72
C LYS C 543 -21.13 22.52 -16.13
N GLU C 544 -22.21 22.65 -15.37
CA GLU C 544 -22.58 23.92 -14.76
C GLU C 544 -21.44 24.50 -13.94
N LEU C 545 -20.91 23.69 -13.02
CA LEU C 545 -19.82 24.13 -12.15
C LEU C 545 -18.53 24.42 -12.92
N LYS C 546 -18.25 23.64 -13.96
CA LYS C 546 -17.06 23.83 -14.77
C LYS C 546 -17.03 25.25 -15.36
N LYS C 547 -18.05 25.58 -16.14
CA LYS C 547 -18.16 26.89 -16.77
C LYS C 547 -18.36 28.02 -15.74
N LYS C 548 -19.07 27.69 -14.66
CA LYS C 548 -19.36 28.66 -13.61
C LYS C 548 -18.09 29.14 -12.91
N PHE C 549 -17.11 28.27 -12.76
CA PHE C 549 -15.86 28.64 -12.11
C PHE C 549 -14.79 29.11 -13.08
N LEU C 550 -14.90 28.68 -14.34
CA LEU C 550 -13.93 29.10 -15.35
C LEU C 550 -14.20 30.57 -15.67
N GLU C 551 -15.48 30.92 -15.79
CA GLU C 551 -15.87 32.30 -16.09
C GLU C 551 -15.38 33.23 -14.99
N ASN C 552 -15.63 32.83 -13.75
CA ASN C 552 -15.21 33.60 -12.58
C ASN C 552 -13.74 34.03 -12.70
N THR C 553 -12.89 33.11 -13.13
CA THR C 553 -11.47 33.42 -13.30
C THR C 553 -10.92 32.87 -14.63
N PRO C 554 -11.11 33.62 -15.73
CA PRO C 554 -10.63 33.23 -17.06
C PRO C 554 -9.12 33.20 -17.23
N ALA C 555 -8.39 33.67 -16.22
CA ALA C 555 -6.94 33.67 -16.29
C ALA C 555 -6.46 32.23 -16.17
N ILE C 556 -7.34 31.35 -15.68
CA ILE C 556 -7.00 29.95 -15.53
C ILE C 556 -6.72 29.40 -16.92
N ALA C 557 -7.57 29.73 -17.88
CA ALA C 557 -7.39 29.27 -19.25
C ALA C 557 -6.09 29.83 -19.80
N ALA C 558 -5.80 31.09 -19.49
CA ALA C 558 -4.57 31.75 -19.95
C ALA C 558 -3.35 31.01 -19.41
N LEU C 559 -3.37 30.69 -18.13
CA LEU C 559 -2.26 29.97 -17.51
C LEU C 559 -2.14 28.61 -18.17
N ARG C 560 -3.25 27.90 -18.30
CA ARG C 560 -3.25 26.58 -18.94
C ARG C 560 -2.64 26.61 -20.34
N GLU C 561 -2.97 27.64 -21.10
CA GLU C 561 -2.47 27.79 -22.46
C GLU C 561 -0.95 28.04 -22.49
N SER C 562 -0.47 28.97 -21.69
CA SER C 562 0.95 29.27 -21.68
C SER C 562 1.76 28.02 -21.35
N ILE C 563 1.30 27.25 -20.36
CA ILE C 563 2.00 26.03 -19.98
C ILE C 563 2.11 25.11 -21.19
N GLN C 564 0.99 24.86 -21.85
CA GLN C 564 0.95 24.02 -23.04
C GLN C 564 1.89 24.52 -24.13
N GLN C 565 1.87 25.82 -24.38
CA GLN C 565 2.71 26.42 -25.42
C GLN C 565 4.20 26.32 -25.07
N THR C 566 4.48 26.09 -23.79
CA THR C 566 5.84 25.99 -23.32
C THR C 566 6.39 24.58 -23.40
N LEU C 567 5.52 23.59 -23.21
CA LEU C 567 5.94 22.20 -23.21
C LEU C 567 5.71 21.43 -24.49
N VAL C 568 4.57 21.69 -25.13
CA VAL C 568 4.23 20.95 -26.34
C VAL C 568 4.34 21.70 -27.65
N GLU C 569 4.59 20.95 -28.73
CA GLU C 569 4.68 21.51 -30.07
C GLU C 569 3.67 20.78 -30.95
N SER C 570 3.16 19.66 -30.43
CA SER C 570 2.17 18.85 -31.13
C SER C 570 2.00 17.49 -30.43
N SER C 571 0.89 16.83 -30.70
CA SER C 571 0.61 15.52 -30.09
C SER C 571 -0.33 14.68 -30.97
N GLN C 578 -2.81 10.15 -30.67
CA GLN C 578 -2.12 9.96 -29.40
C GLN C 578 -0.69 10.50 -29.46
N GLN C 579 0.20 9.91 -28.66
CA GLN C 579 1.63 10.27 -28.57
C GLN C 579 1.94 11.77 -28.68
N VAL C 580 2.80 12.28 -27.79
CA VAL C 580 3.14 13.70 -27.76
C VAL C 580 4.55 14.08 -28.22
N LYS C 581 4.67 15.23 -28.88
CA LYS C 581 5.97 15.76 -29.32
C LYS C 581 6.31 16.92 -28.39
N TRP C 582 7.34 16.73 -27.56
CA TRP C 582 7.70 17.76 -26.61
C TRP C 582 8.73 18.81 -27.01
N LYS C 583 8.49 20.03 -26.54
CA LYS C 583 9.36 21.15 -26.77
C LYS C 583 10.38 21.05 -25.63
N ARG C 584 9.86 20.75 -24.44
CA ARG C 584 10.65 20.56 -23.22
C ARG C 584 9.74 19.75 -22.30
N ARG C 585 10.27 18.70 -21.69
CA ARG C 585 9.41 17.88 -20.85
C ARG C 585 9.52 18.09 -19.35
N TRP C 586 9.90 19.30 -18.93
CA TRP C 586 9.99 19.60 -17.52
C TRP C 586 9.71 21.06 -17.18
N ILE C 587 9.20 21.26 -15.97
CA ILE C 587 8.87 22.57 -15.42
C ILE C 587 10.01 22.99 -14.51
N LYS C 588 10.37 24.27 -14.51
CA LYS C 588 11.44 24.73 -13.63
C LYS C 588 10.79 25.01 -12.29
N GLY C 589 11.25 24.32 -11.26
CA GLY C 589 10.67 24.50 -9.94
C GLY C 589 11.00 25.82 -9.28
N LEU C 590 10.35 26.10 -8.15
CA LEU C 590 10.58 27.34 -7.43
C LEU C 590 12.04 27.47 -6.98
N ASP C 591 12.70 26.34 -6.74
CA ASP C 591 14.09 26.40 -6.31
C ASP C 591 15.05 26.08 -7.45
N GLY C 592 14.54 26.08 -8.68
CA GLY C 592 15.38 25.82 -9.83
C GLY C 592 15.45 24.43 -10.42
N ARG C 593 15.00 23.42 -9.68
CA ARG C 593 15.07 22.04 -10.18
C ARG C 593 14.16 21.78 -11.37
N LYS C 594 14.44 20.68 -12.06
CA LYS C 594 13.64 20.25 -13.19
C LYS C 594 12.51 19.40 -12.63
N VAL C 595 11.28 19.71 -12.97
CA VAL C 595 10.16 18.92 -12.51
C VAL C 595 9.59 18.25 -13.75
N HIS C 596 9.80 16.94 -13.84
CA HIS C 596 9.34 16.15 -14.98
C HIS C 596 7.82 16.18 -15.12
N VAL C 597 7.36 16.47 -16.33
CA VAL C 597 5.93 16.50 -16.63
C VAL C 597 5.64 15.18 -17.32
N ARG C 598 4.68 14.44 -16.77
CA ARG C 598 4.31 13.14 -17.32
C ARG C 598 3.33 13.25 -18.47
N SER C 599 2.40 14.18 -18.37
CA SER C 599 1.39 14.34 -19.41
C SER C 599 0.93 15.79 -19.53
N PRO C 600 0.66 16.23 -20.76
CA PRO C 600 0.22 17.61 -20.99
C PRO C 600 -1.01 18.00 -20.19
N HIS C 601 -1.92 17.05 -19.96
CA HIS C 601 -3.14 17.36 -19.21
C HIS C 601 -2.92 17.47 -17.70
N ALA C 602 -1.80 16.95 -17.22
CA ALA C 602 -1.50 17.01 -15.79
C ALA C 602 -0.44 18.09 -15.51
N ALA C 603 -0.04 18.81 -16.56
CA ALA C 603 0.98 19.84 -16.46
C ALA C 603 0.68 20.91 -15.42
N LEU C 604 -0.55 21.43 -15.44
CA LEU C 604 -0.93 22.45 -14.48
C LEU C 604 -0.80 21.89 -13.07
N ASN C 605 -1.18 20.63 -12.89
CA ASN C 605 -1.07 20.01 -11.58
C ASN C 605 0.40 19.89 -11.21
N THR C 606 1.23 19.54 -12.17
CA THR C 606 2.65 19.43 -11.92
C THR C 606 3.17 20.78 -11.42
N LEU C 607 2.79 21.85 -12.10
CA LEU C 607 3.22 23.19 -11.73
C LEU C 607 2.77 23.60 -10.33
N LEU C 608 1.48 23.45 -10.07
CA LEU C 608 0.94 23.84 -8.77
C LEU C 608 1.30 22.90 -7.62
N GLN C 609 1.22 21.60 -7.84
CA GLN C 609 1.55 20.66 -6.77
C GLN C 609 3.03 20.79 -6.40
N SER C 610 3.88 21.06 -7.39
CA SER C 610 5.32 21.19 -7.14
C SER C 610 5.62 22.43 -6.32
N ALA C 611 5.00 23.54 -6.72
CA ALA C 611 5.17 24.82 -6.02
C ALA C 611 4.76 24.67 -4.57
N GLY C 612 3.60 24.05 -4.35
CA GLY C 612 3.12 23.86 -3.00
C GLY C 612 4.01 22.91 -2.20
N ALA C 613 4.58 21.93 -2.89
CA ALA C 613 5.46 20.97 -2.23
C ALA C 613 6.80 21.62 -1.85
N LEU C 614 7.33 22.49 -2.71
CA LEU C 614 8.60 23.13 -2.41
C LEU C 614 8.43 24.23 -1.36
N ILE C 615 7.27 24.87 -1.36
CA ILE C 615 7.01 25.91 -0.37
C ILE C 615 6.94 25.24 0.99
N CYS C 616 6.17 24.15 1.09
CA CYS C 616 6.03 23.43 2.35
C CYS C 616 7.34 22.81 2.81
N LYS C 617 8.17 22.39 1.87
CA LYS C 617 9.43 21.79 2.23
C LYS C 617 10.35 22.85 2.85
N LEU C 618 10.45 24.02 2.21
CA LEU C 618 11.29 25.08 2.74
C LEU C 618 10.68 25.57 4.05
N TRP C 619 9.36 25.49 4.14
CA TRP C 619 8.63 25.90 5.33
C TRP C 619 8.99 25.09 6.59
N ILE C 620 8.97 23.76 6.49
CA ILE C 620 9.27 22.96 7.66
C ILE C 620 10.72 23.17 8.07
N ILE C 621 11.58 23.38 7.09
CA ILE C 621 12.99 23.61 7.35
C ILE C 621 13.17 24.93 8.10
N LYS C 622 12.54 25.99 7.59
CA LYS C 622 12.64 27.31 8.20
C LYS C 622 12.00 27.35 9.58
N THR C 623 10.91 26.62 9.76
CA THR C 623 10.23 26.57 11.05
C THR C 623 11.15 25.99 12.11
N GLU C 624 11.79 24.85 11.81
CA GLU C 624 12.65 24.25 12.81
C GLU C 624 13.85 25.14 13.12
N GLU C 625 14.41 25.75 12.09
CA GLU C 625 15.56 26.61 12.28
C GLU C 625 15.21 27.82 13.13
N MET C 626 14.04 28.40 12.90
CA MET C 626 13.62 29.55 13.68
C MET C 626 13.41 29.16 15.15
N LEU C 627 12.89 27.95 15.38
CA LEU C 627 12.68 27.48 16.74
C LEU C 627 14.03 27.31 17.42
N VAL C 628 14.98 26.73 16.71
CA VAL C 628 16.31 26.51 17.25
C VAL C 628 17.00 27.83 17.60
N GLU C 629 16.98 28.80 16.68
CA GLU C 629 17.63 30.07 17.00
C GLU C 629 16.90 30.84 18.09
N LYS C 630 15.73 30.34 18.49
CA LYS C 630 14.97 30.97 19.56
C LYS C 630 15.34 30.29 20.87
N GLY C 631 16.15 29.23 20.79
CA GLY C 631 16.57 28.53 21.99
C GLY C 631 15.93 27.18 22.27
N LEU C 632 14.93 26.81 21.49
CA LEU C 632 14.29 25.51 21.70
C LEU C 632 15.16 24.39 21.19
N LYS C 633 15.09 23.24 21.84
CA LYS C 633 15.88 22.07 21.47
C LYS C 633 14.98 21.02 20.84
N HIS C 634 15.42 20.47 19.71
CA HIS C 634 14.63 19.47 18.99
C HIS C 634 14.89 18.06 19.52
N GLY C 635 13.89 17.50 20.20
CA GLY C 635 14.03 16.16 20.75
C GLY C 635 13.17 15.92 21.97
N TRP C 636 12.94 14.67 22.33
CA TRP C 636 12.13 14.34 23.51
C TRP C 636 12.88 14.73 24.79
N ASP C 637 14.18 14.92 24.66
CA ASP C 637 15.00 15.32 25.79
C ASP C 637 15.16 16.83 25.73
N GLY C 638 14.30 17.47 24.93
CA GLY C 638 14.37 18.91 24.78
C GLY C 638 13.04 19.64 24.96
N ASP C 639 12.66 20.42 23.94
CA ASP C 639 11.44 21.22 23.98
C ASP C 639 10.35 20.85 22.98
N PHE C 640 10.73 20.37 21.80
CA PHE C 640 9.74 20.00 20.80
C PHE C 640 10.27 18.88 19.92
N ALA C 641 9.37 18.17 19.25
CA ALA C 641 9.75 17.08 18.38
C ALA C 641 8.81 16.92 17.20
N TYR C 642 9.36 16.97 15.99
CA TYR C 642 8.53 16.76 14.80
C TYR C 642 8.03 15.31 14.88
N MET C 643 6.74 15.10 14.64
CA MET C 643 6.19 13.75 14.71
C MET C 643 5.72 13.35 13.32
N ALA C 644 5.30 14.33 12.53
CA ALA C 644 4.85 14.03 11.19
C ALA C 644 4.73 15.22 10.27
N TRP C 645 4.99 14.97 8.99
CA TRP C 645 4.87 15.98 7.95
C TRP C 645 4.00 15.36 6.88
N VAL C 646 2.79 15.88 6.73
CA VAL C 646 1.84 15.38 5.75
C VAL C 646 1.51 16.43 4.69
N HIS C 647 2.43 16.57 3.74
CA HIS C 647 2.31 17.51 2.62
C HIS C 647 2.34 18.98 3.02
N ASP C 648 1.25 19.50 3.55
CA ASP C 648 1.25 20.91 3.94
C ASP C 648 0.84 21.08 5.41
N GLU C 649 1.17 20.08 6.22
CA GLU C 649 0.87 20.13 7.63
C GLU C 649 1.94 19.41 8.45
N ILE C 650 2.25 19.97 9.60
CA ILE C 650 3.21 19.35 10.49
C ILE C 650 2.51 19.19 11.83
N GLN C 651 2.81 18.09 12.49
CA GLN C 651 2.27 17.84 13.81
C GLN C 651 3.53 17.82 14.65
N VAL C 652 3.56 18.60 15.73
CA VAL C 652 4.75 18.71 16.57
C VAL C 652 4.46 18.54 18.06
N GLY C 653 5.15 17.62 18.71
CA GLY C 653 4.96 17.43 20.13
C GLY C 653 5.71 18.55 20.84
N CYS C 654 5.12 19.08 21.91
CA CYS C 654 5.74 20.16 22.66
C CYS C 654 5.70 19.85 24.15
N ARG C 655 6.82 20.08 24.84
CA ARG C 655 6.88 19.79 26.27
C ARG C 655 5.84 20.56 27.08
N THR C 656 5.51 21.77 26.64
CA THR C 656 4.52 22.59 27.35
C THR C 656 3.61 23.36 26.41
N GLU C 657 2.50 23.85 26.94
CA GLU C 657 1.56 24.61 26.14
C GLU C 657 2.22 25.86 25.61
N GLU C 658 2.97 26.55 26.45
CA GLU C 658 3.67 27.77 26.02
C GLU C 658 4.54 27.50 24.80
N ILE C 659 5.25 26.37 24.79
CA ILE C 659 6.10 26.02 23.67
C ILE C 659 5.23 25.74 22.43
N ALA C 660 4.07 25.14 22.64
CA ALA C 660 3.17 24.86 21.53
C ALA C 660 2.71 26.19 20.91
N GLN C 661 2.37 27.15 21.76
CA GLN C 661 1.94 28.46 21.26
C GLN C 661 3.08 29.06 20.44
N VAL C 662 4.31 28.91 20.91
CA VAL C 662 5.46 29.45 20.19
C VAL C 662 5.70 28.72 18.86
N VAL C 663 5.49 27.41 18.82
CA VAL C 663 5.70 26.65 17.59
C VAL C 663 4.68 27.11 16.54
N ILE C 664 3.42 27.24 16.96
CA ILE C 664 2.34 27.69 16.09
C ILE C 664 2.64 29.08 15.51
N GLU C 665 3.05 30.02 16.36
CA GLU C 665 3.35 31.37 15.88
C GLU C 665 4.58 31.35 14.98
N THR C 666 5.56 30.53 15.34
CA THR C 666 6.77 30.44 14.54
C THR C 666 6.51 29.82 13.18
N ALA C 667 5.60 28.86 13.12
CA ALA C 667 5.27 28.23 11.84
C ALA C 667 4.67 29.27 10.88
N GLN C 668 3.87 30.19 11.41
CA GLN C 668 3.27 31.25 10.61
C GLN C 668 4.35 32.20 10.12
N GLU C 669 5.24 32.61 11.02
CA GLU C 669 6.32 33.51 10.63
C GLU C 669 7.13 32.89 9.50
N ALA C 670 7.49 31.62 9.67
CA ALA C 670 8.29 30.91 8.67
C ALA C 670 7.58 30.83 7.32
N MET C 671 6.27 30.62 7.33
CA MET C 671 5.53 30.54 6.08
C MET C 671 5.62 31.86 5.33
N ARG C 672 5.42 32.96 6.05
CA ARG C 672 5.49 34.29 5.46
C ARG C 672 6.88 34.53 4.91
N TRP C 673 7.89 34.00 5.61
CA TRP C 673 9.26 34.15 5.19
C TRP C 673 9.48 33.40 3.86
N VAL C 674 8.90 32.21 3.73
CA VAL C 674 9.04 31.45 2.49
C VAL C 674 8.39 32.24 1.34
N GLY C 675 7.20 32.77 1.59
CA GLY C 675 6.52 33.53 0.55
C GLY C 675 7.38 34.70 0.09
N ASP C 676 7.96 35.44 1.02
CA ASP C 676 8.82 36.57 0.67
C ASP C 676 10.09 36.07 -0.02
N HIS C 677 10.62 34.96 0.48
CA HIS C 677 11.84 34.38 -0.06
C HIS C 677 11.78 34.14 -1.55
N TRP C 678 10.62 33.72 -2.05
CA TRP C 678 10.49 33.46 -3.47
C TRP C 678 9.58 34.46 -4.20
N ASN C 679 9.46 35.66 -3.66
CA ASN C 679 8.66 36.70 -4.28
C ASN C 679 7.29 36.20 -4.76
N PHE C 680 6.61 35.45 -3.90
CA PHE C 680 5.30 34.93 -4.29
C PHE C 680 4.31 36.07 -4.46
N ARG C 681 3.40 35.91 -5.43
CA ARG C 681 2.41 36.94 -5.73
C ARG C 681 1.12 36.78 -4.94
N CYS C 682 1.10 35.81 -4.05
CA CYS C 682 -0.06 35.61 -3.20
C CYS C 682 0.49 35.45 -1.80
N LEU C 683 -0.14 36.10 -0.84
CA LEU C 683 0.29 36.02 0.54
C LEU C 683 0.04 34.60 1.04
N LEU C 684 1.02 34.03 1.73
CA LEU C 684 0.90 32.67 2.25
C LEU C 684 0.57 32.67 3.73
N ASP C 685 -0.31 31.77 4.15
CA ASP C 685 -0.72 31.68 5.55
C ASP C 685 -0.76 30.24 6.11
N THR C 686 -0.91 30.13 7.42
CA THR C 686 -1.02 28.84 8.08
C THR C 686 -2.10 28.94 9.14
N GLU C 687 -2.60 27.79 9.58
CA GLU C 687 -3.60 27.75 10.62
C GLU C 687 -3.10 26.74 11.64
N GLY C 688 -3.02 27.16 12.89
CA GLY C 688 -2.52 26.27 13.93
C GLY C 688 -3.52 25.89 14.99
N LYS C 689 -3.38 24.68 15.52
CA LYS C 689 -4.26 24.16 16.55
C LYS C 689 -3.44 23.45 17.62
N MET C 690 -3.73 23.77 18.88
CA MET C 690 -3.05 23.14 19.99
C MET C 690 -4.02 22.13 20.58
N GLY C 691 -3.50 20.99 21.01
CA GLY C 691 -4.35 19.96 21.58
C GLY C 691 -3.52 18.77 21.99
N PRO C 692 -4.15 17.73 22.56
CA PRO C 692 -3.44 16.53 23.01
C PRO C 692 -3.10 15.53 21.89
N ASN C 693 -3.89 15.50 20.83
CA ASN C 693 -3.65 14.53 19.76
C ASN C 693 -4.06 14.99 18.36
N TRP C 694 -3.91 14.09 17.38
CA TRP C 694 -4.21 14.40 15.99
C TRP C 694 -5.70 14.60 15.69
N ALA C 695 -6.59 14.04 16.51
CA ALA C 695 -8.01 14.22 16.27
C ALA C 695 -8.43 15.66 16.55
N ILE C 696 -7.71 16.31 17.46
CA ILE C 696 -7.99 17.69 17.83
C ILE C 696 -7.13 18.70 17.09
N CYS C 697 -5.93 18.29 16.69
CA CYS C 697 -5.01 19.18 16.00
C CYS C 697 -5.01 19.21 14.48
N HIS C 698 -6.15 18.93 13.87
CA HIS C 698 -6.26 18.96 12.42
C HIS C 698 -7.71 18.89 12.03
N LYS D 3 -40.25 -42.13 -11.71
CA LYS D 3 -39.69 -43.07 -10.70
C LYS D 3 -38.59 -42.45 -9.84
N ILE D 4 -37.89 -41.46 -10.39
CA ILE D 4 -36.82 -40.79 -9.64
C ILE D 4 -37.39 -39.73 -8.70
N ILE D 5 -36.87 -39.71 -7.48
CA ILE D 5 -37.30 -38.74 -6.49
C ILE D 5 -36.45 -37.49 -6.52
N HIS D 6 -37.09 -36.35 -6.74
CA HIS D 6 -36.38 -35.08 -6.79
C HIS D 6 -36.37 -34.47 -5.38
N LEU D 7 -35.24 -34.58 -4.70
CA LEU D 7 -35.09 -34.10 -3.33
C LEU D 7 -34.86 -32.61 -3.15
N THR D 8 -35.02 -32.14 -1.92
CA THR D 8 -34.76 -30.76 -1.55
C THR D 8 -34.07 -30.84 -0.19
N ASP D 9 -33.44 -29.75 0.24
CA ASP D 9 -32.78 -29.75 1.53
C ASP D 9 -33.77 -30.11 2.65
N ASP D 10 -34.95 -29.51 2.60
CA ASP D 10 -35.98 -29.74 3.63
C ASP D 10 -36.70 -31.08 3.63
N SER D 11 -36.63 -31.82 2.53
CA SER D 11 -37.30 -33.12 2.50
C SER D 11 -36.29 -34.25 2.53
N PHE D 12 -35.01 -33.91 2.56
CA PHE D 12 -33.96 -34.91 2.56
C PHE D 12 -34.04 -35.86 3.75
N ASP D 13 -34.21 -35.32 4.95
CA ASP D 13 -34.27 -36.15 6.14
C ASP D 13 -35.32 -37.25 6.08
N THR D 14 -36.57 -36.89 5.81
CA THR D 14 -37.62 -37.90 5.78
C THR D 14 -37.65 -38.75 4.51
N ASP D 15 -37.20 -38.20 3.38
CA ASP D 15 -37.20 -38.97 2.14
C ASP D 15 -36.03 -39.92 2.01
N VAL D 16 -34.96 -39.63 2.74
CA VAL D 16 -33.76 -40.45 2.67
C VAL D 16 -33.40 -41.08 4.01
N LEU D 17 -33.11 -40.24 5.00
CA LEU D 17 -32.71 -40.71 6.33
C LEU D 17 -33.73 -41.51 7.14
N LYS D 18 -35.01 -41.41 6.77
CA LYS D 18 -36.05 -42.14 7.48
C LYS D 18 -36.72 -43.07 6.48
N ALA D 19 -36.19 -43.05 5.26
CA ALA D 19 -36.70 -43.84 4.14
C ALA D 19 -37.09 -45.26 4.45
N ASP D 20 -36.28 -45.97 5.22
CA ASP D 20 -36.58 -47.36 5.53
C ASP D 20 -36.64 -48.10 4.19
N GLY D 21 -35.46 -48.35 3.63
CA GLY D 21 -35.35 -49.01 2.35
C GLY D 21 -34.05 -48.53 1.72
N ALA D 22 -33.67 -49.10 0.59
CA ALA D 22 -32.43 -48.69 -0.07
C ALA D 22 -32.67 -47.46 -0.94
N ILE D 23 -31.86 -46.42 -0.73
CA ILE D 23 -31.99 -45.18 -1.49
C ILE D 23 -30.65 -44.75 -2.08
N LEU D 24 -30.61 -44.63 -3.40
CA LEU D 24 -29.40 -44.18 -4.07
C LEU D 24 -29.56 -42.68 -4.34
N VAL D 25 -28.72 -41.87 -3.71
CA VAL D 25 -28.78 -40.43 -3.90
C VAL D 25 -27.68 -39.93 -4.83
N ASP D 26 -28.07 -39.14 -5.82
CA ASP D 26 -27.14 -38.59 -6.79
C ASP D 26 -26.96 -37.09 -6.58
N PHE D 27 -25.82 -36.72 -6.00
CA PHE D 27 -25.51 -35.31 -5.78
C PHE D 27 -24.93 -34.79 -7.09
N TRP D 28 -25.61 -33.84 -7.70
CA TRP D 28 -25.18 -33.32 -9.00
C TRP D 28 -25.29 -31.81 -9.16
N ALA D 29 -24.97 -31.36 -10.37
CA ALA D 29 -25.04 -29.95 -10.72
C ALA D 29 -25.20 -29.87 -12.22
N GLU D 30 -25.96 -28.88 -12.67
CA GLU D 30 -26.23 -28.68 -14.08
C GLU D 30 -24.99 -28.39 -14.93
N TRP D 31 -23.92 -27.89 -14.30
CA TRP D 31 -22.71 -27.55 -15.03
C TRP D 31 -21.63 -28.62 -15.07
N CYS D 32 -21.94 -29.81 -14.55
CA CYS D 32 -20.95 -30.89 -14.55
C CYS D 32 -21.13 -31.83 -15.73
N GLY D 33 -20.05 -32.03 -16.49
CA GLY D 33 -20.10 -32.92 -17.64
C GLY D 33 -20.50 -34.33 -17.25
N PRO D 34 -19.74 -34.96 -16.34
CA PRO D 34 -20.03 -36.32 -15.87
C PRO D 34 -21.46 -36.49 -15.35
N CYS D 35 -21.97 -35.45 -14.69
CA CYS D 35 -23.34 -35.49 -14.16
C CYS D 35 -24.35 -35.64 -15.29
N LYS D 36 -24.16 -34.89 -16.38
CA LYS D 36 -25.08 -34.99 -17.50
C LYS D 36 -24.97 -36.37 -18.13
N MET D 37 -23.77 -36.94 -18.12
CA MET D 37 -23.54 -38.25 -18.69
C MET D 37 -24.35 -39.34 -17.99
N ILE D 38 -24.21 -39.41 -16.68
CA ILE D 38 -24.90 -40.44 -15.90
C ILE D 38 -26.40 -40.21 -15.73
N ALA D 39 -26.87 -38.99 -15.97
CA ALA D 39 -28.29 -38.69 -15.82
C ALA D 39 -29.19 -39.73 -16.49
N PRO D 40 -28.98 -39.98 -17.80
CA PRO D 40 -29.83 -40.97 -18.49
C PRO D 40 -29.68 -42.39 -17.93
N ILE D 41 -28.53 -42.71 -17.37
CA ILE D 41 -28.30 -44.05 -16.82
C ILE D 41 -29.16 -44.25 -15.57
N LEU D 42 -29.31 -43.19 -14.80
CA LEU D 42 -30.12 -43.24 -13.58
C LEU D 42 -31.59 -43.38 -13.94
N ASP D 43 -32.04 -42.68 -14.97
CA ASP D 43 -33.43 -42.77 -15.40
C ASP D 43 -33.84 -44.20 -15.66
N GLU D 44 -32.92 -45.01 -16.15
CA GLU D 44 -33.19 -46.40 -16.44
C GLU D 44 -32.98 -47.30 -15.23
N ILE D 45 -31.93 -47.02 -14.45
CA ILE D 45 -31.66 -47.81 -13.26
C ILE D 45 -32.86 -47.77 -12.34
N ALA D 46 -33.56 -46.64 -12.32
CA ALA D 46 -34.75 -46.48 -11.48
C ALA D 46 -35.83 -47.45 -11.92
N ASP D 47 -36.12 -47.46 -13.23
CA ASP D 47 -37.13 -48.34 -13.80
C ASP D 47 -36.87 -49.78 -13.40
N GLU D 48 -35.71 -50.28 -13.80
CA GLU D 48 -35.29 -51.64 -13.53
C GLU D 48 -35.34 -52.05 -12.06
N TYR D 49 -34.56 -51.37 -11.23
CA TYR D 49 -34.51 -51.71 -9.82
C TYR D 49 -35.73 -51.32 -9.00
N GLN D 50 -36.81 -50.93 -9.66
CA GLN D 50 -38.01 -50.55 -8.93
C GLN D 50 -38.52 -51.74 -8.13
N GLY D 51 -38.47 -51.61 -6.81
CA GLY D 51 -38.93 -52.68 -5.95
C GLY D 51 -37.98 -52.90 -4.79
N LYS D 52 -36.68 -52.87 -5.07
CA LYS D 52 -35.67 -53.06 -4.04
C LYS D 52 -34.76 -51.86 -3.88
N LEU D 53 -35.03 -50.81 -4.64
CA LEU D 53 -34.22 -49.60 -4.57
C LEU D 53 -34.93 -48.35 -5.11
N THR D 54 -34.71 -47.23 -4.44
CA THR D 54 -35.28 -45.94 -4.83
C THR D 54 -34.15 -45.01 -5.27
N VAL D 55 -34.29 -44.41 -6.45
CA VAL D 55 -33.26 -43.49 -6.94
C VAL D 55 -33.70 -42.04 -6.74
N ALA D 56 -32.88 -41.27 -6.03
CA ALA D 56 -33.19 -39.87 -5.78
C ALA D 56 -32.04 -38.95 -6.20
N LYS D 57 -32.38 -37.74 -6.62
CA LYS D 57 -31.38 -36.78 -7.05
C LYS D 57 -31.48 -35.50 -6.22
N LEU D 58 -30.33 -34.90 -5.94
CA LEU D 58 -30.28 -33.65 -5.19
C LEU D 58 -29.32 -32.69 -5.86
N ASN D 59 -29.86 -31.62 -6.43
CA ASN D 59 -29.07 -30.62 -7.11
C ASN D 59 -28.40 -29.72 -6.06
N ILE D 60 -27.08 -29.80 -5.95
CA ILE D 60 -26.37 -29.01 -4.95
C ILE D 60 -26.41 -27.49 -5.10
N ASP D 61 -26.87 -26.99 -6.23
CA ASP D 61 -26.97 -25.54 -6.41
C ASP D 61 -28.27 -25.05 -5.77
N GLN D 62 -29.36 -25.73 -6.07
CA GLN D 62 -30.67 -25.37 -5.55
C GLN D 62 -30.82 -25.78 -4.09
N ASN D 63 -30.10 -26.83 -3.70
CA ASN D 63 -30.13 -27.35 -2.32
C ASN D 63 -28.70 -27.46 -1.83
N PRO D 64 -28.12 -26.33 -1.39
CA PRO D 64 -26.75 -26.19 -0.88
C PRO D 64 -26.47 -26.67 0.54
N GLY D 65 -27.51 -27.01 1.29
CA GLY D 65 -27.29 -27.43 2.66
C GLY D 65 -26.98 -28.88 2.97
N THR D 66 -27.33 -29.78 2.07
CA THR D 66 -27.11 -31.22 2.30
C THR D 66 -25.74 -31.80 1.99
N ALA D 67 -25.22 -31.52 0.78
CA ALA D 67 -23.92 -32.06 0.37
C ALA D 67 -22.79 -31.87 1.38
N PRO D 68 -22.63 -30.66 1.94
CA PRO D 68 -21.57 -30.43 2.92
C PRO D 68 -21.49 -31.43 4.07
N LYS D 69 -22.63 -31.97 4.48
CA LYS D 69 -22.66 -32.92 5.58
C LYS D 69 -22.12 -34.29 5.21
N TYR D 70 -21.79 -34.48 3.93
CA TYR D 70 -21.26 -35.75 3.46
C TYR D 70 -19.89 -35.55 2.81
N GLY D 71 -19.26 -34.42 3.12
CA GLY D 71 -17.94 -34.12 2.59
C GLY D 71 -17.79 -34.31 1.09
N ILE D 72 -18.80 -33.86 0.34
CA ILE D 72 -18.75 -33.97 -1.12
C ILE D 72 -17.50 -33.28 -1.64
N ARG D 73 -16.65 -34.04 -2.32
CA ARG D 73 -15.41 -33.50 -2.86
C ARG D 73 -15.43 -33.52 -4.39
N GLY D 74 -16.36 -34.28 -4.96
CA GLY D 74 -16.47 -34.36 -6.41
C GLY D 74 -17.86 -34.78 -6.82
N ILE D 75 -18.24 -34.47 -8.05
CA ILE D 75 -19.56 -34.85 -8.56
C ILE D 75 -19.46 -35.44 -9.96
N PRO D 76 -20.42 -36.30 -10.33
CA PRO D 76 -21.55 -36.71 -9.51
C PRO D 76 -21.16 -37.62 -8.37
N THR D 77 -21.77 -37.43 -7.21
CA THR D 77 -21.49 -38.29 -6.06
C THR D 77 -22.69 -39.20 -5.84
N LEU D 78 -22.43 -40.50 -5.80
CA LEU D 78 -23.49 -41.48 -5.61
C LEU D 78 -23.42 -42.09 -4.22
N LEU D 79 -24.42 -41.78 -3.40
CA LEU D 79 -24.51 -42.31 -2.04
C LEU D 79 -25.66 -43.30 -1.93
N LEU D 80 -25.36 -44.51 -1.49
CA LEU D 80 -26.39 -45.53 -1.33
C LEU D 80 -26.74 -45.51 0.16
N PHE D 81 -27.91 -44.97 0.49
CA PHE D 81 -28.34 -44.89 1.88
C PHE D 81 -29.13 -46.11 2.34
N LYS D 82 -28.90 -46.49 3.58
CA LYS D 82 -29.57 -47.61 4.20
C LYS D 82 -29.91 -47.23 5.63
N ASN D 83 -31.20 -46.98 5.89
CA ASN D 83 -31.64 -46.59 7.22
C ASN D 83 -30.83 -45.41 7.76
N GLY D 84 -30.98 -44.26 7.11
CA GLY D 84 -30.29 -43.05 7.53
C GLY D 84 -28.79 -43.09 7.65
N GLU D 85 -28.15 -44.11 7.08
CA GLU D 85 -26.69 -44.22 7.15
C GLU D 85 -26.11 -44.64 5.80
N VAL D 86 -25.05 -43.95 5.39
CA VAL D 86 -24.40 -44.25 4.12
C VAL D 86 -23.87 -45.68 4.13
N ALA D 87 -24.39 -46.50 3.22
CA ALA D 87 -23.97 -47.90 3.12
C ALA D 87 -22.83 -48.07 2.14
N ALA D 88 -22.70 -47.12 1.21
CA ALA D 88 -21.66 -47.17 0.20
C ALA D 88 -21.63 -45.88 -0.60
N THR D 89 -20.44 -45.48 -1.02
CA THR D 89 -20.28 -44.26 -1.80
C THR D 89 -19.34 -44.44 -2.98
N LYS D 90 -19.72 -43.87 -4.11
CA LYS D 90 -18.92 -43.97 -5.33
C LYS D 90 -19.02 -42.64 -6.09
N VAL D 91 -17.88 -42.09 -6.49
CA VAL D 91 -17.87 -40.82 -7.20
C VAL D 91 -17.42 -40.98 -8.65
N GLY D 92 -18.28 -40.59 -9.59
CA GLY D 92 -17.94 -40.71 -10.99
C GLY D 92 -19.06 -41.19 -11.89
N ALA D 93 -18.97 -40.84 -13.17
CA ALA D 93 -19.96 -41.24 -14.16
C ALA D 93 -19.80 -42.69 -14.58
N LEU D 94 -20.19 -43.61 -13.70
CA LEU D 94 -20.09 -45.03 -14.01
C LEU D 94 -21.03 -45.33 -15.17
N SER D 95 -20.71 -46.37 -15.92
CA SER D 95 -21.52 -46.76 -17.06
C SER D 95 -22.71 -47.57 -16.52
N LYS D 96 -23.62 -47.94 -17.41
CA LYS D 96 -24.79 -48.71 -17.03
C LYS D 96 -24.38 -49.95 -16.24
N GLY D 97 -23.57 -50.81 -16.87
CA GLY D 97 -23.13 -52.02 -16.22
C GLY D 97 -22.45 -51.79 -14.88
N GLN D 98 -21.46 -50.89 -14.86
CA GLN D 98 -20.73 -50.57 -13.65
C GLN D 98 -21.65 -50.20 -12.48
N LEU D 99 -22.65 -49.38 -12.74
CA LEU D 99 -23.58 -48.98 -11.69
C LEU D 99 -24.30 -50.23 -11.21
N LYS D 100 -24.71 -51.07 -12.15
CA LYS D 100 -25.41 -52.30 -11.81
C LYS D 100 -24.51 -53.16 -10.93
N GLU D 101 -23.25 -53.27 -11.30
CA GLU D 101 -22.30 -54.05 -10.51
C GLU D 101 -22.28 -53.51 -9.09
N PHE D 102 -22.27 -52.18 -8.98
CA PHE D 102 -22.25 -51.52 -7.68
C PHE D 102 -23.51 -51.78 -6.86
N LEU D 103 -24.66 -51.66 -7.52
CA LEU D 103 -25.93 -51.87 -6.84
C LEU D 103 -26.18 -53.32 -6.43
N ASP D 104 -25.75 -54.28 -7.25
CA ASP D 104 -25.95 -55.68 -6.92
C ASP D 104 -25.03 -56.10 -5.78
N ALA D 105 -23.83 -55.52 -5.77
CA ALA D 105 -22.84 -55.83 -4.76
C ALA D 105 -23.16 -55.28 -3.38
N ASN D 106 -24.02 -54.28 -3.32
CA ASN D 106 -24.36 -53.67 -2.03
C ASN D 106 -25.82 -53.85 -1.61
N LEU D 107 -26.61 -54.47 -2.49
CA LEU D 107 -28.01 -54.74 -2.20
C LEU D 107 -28.20 -56.20 -1.80
MG MG E . -3.72 23.10 3.86
MG MG F . -3.26 19.73 4.75
MG MG G . 25.92 1.84 3.44
S SO4 H . 19.93 13.96 17.58
O1 SO4 H . 19.54 15.38 17.49
O2 SO4 H . 21.26 13.86 18.24
O3 SO4 H . 20.00 13.39 16.22
O4 SO4 H . 18.93 13.22 18.36
S SO4 I . 20.11 7.09 -16.46
O1 SO4 I . 19.14 8.18 -16.21
O2 SO4 I . 21.45 7.48 -15.96
O3 SO4 I . 20.19 6.85 -17.93
O4 SO4 I . 19.64 5.87 -15.77
N1 DCT J . -5.02 18.35 -2.64
C2 DCT J . -5.42 17.71 -3.82
N3 DCT J . -6.57 17.00 -3.85
C4 DCT J . -7.34 16.92 -2.77
C5 DCT J . -7.00 17.60 -1.55
C6 DCT J . -5.83 18.29 -1.53
O2 DCT J . -4.69 17.80 -4.82
N4 DCT J . -8.46 16.16 -2.84
C1' DCT J . -3.71 19.07 -2.63
C2' DCT J . -3.80 20.56 -2.99
C3' DCT J . -3.81 21.20 -1.61
C4' DCT J . -2.85 20.30 -0.83
O4' DCT J . -3.10 18.97 -1.36
C5' DCT J . -3.05 20.25 0.66
O5' DCT J . -4.33 19.76 0.97
PA DCT J . -5.24 20.54 2.01
O1A DCT J . -6.31 19.60 2.32
O2A DCT J . -4.36 21.06 3.11
O3A DCT J . -5.82 21.75 1.14
PB DCT J . -5.76 23.32 1.38
O1B DCT J . -6.15 23.97 0.10
O2B DCT J . -4.46 23.67 2.01
O3B DCT J . -6.95 23.47 2.44
PG DCT J . -6.82 24.06 3.91
O1G DCT J . -5.67 23.40 4.58
O2G DCT J . -6.87 25.55 3.82
O3G DCT J . -8.07 23.61 4.65
OH2 1PE K . 21.66 -0.83 5.90
C12 1PE K . 22.30 -0.74 7.19
C22 1PE K . 23.08 -2.06 7.49
OH3 1PE K . 22.16 -2.90 8.27
C13 1PE K . 21.59 -4.93 9.30
C23 1PE K . 22.76 -4.21 8.64
OH4 1PE K . 20.81 -5.52 8.23
C14 1PE K . 18.86 -6.82 7.60
C24 1PE K . 19.63 -6.23 8.76
OH5 1PE K . 18.12 -5.72 7.07
C15 1PE K . 16.57 -5.02 5.37
C25 1PE K . 17.33 -6.18 5.92
OH6 1PE K . 17.53 -4.09 4.78
C16 1PE K . 17.48 -1.68 5.04
C26 1PE K . 17.06 -2.86 4.19
OH7 1PE K . 18.66 -0.92 4.54
O1 MES L . 36.92 9.33 27.64
C2 MES L . 35.85 8.46 27.20
C3 MES L . 36.33 7.54 26.06
N4 MES L . 36.88 8.35 24.96
C5 MES L . 37.94 9.26 25.42
C6 MES L . 37.43 10.13 26.55
C7 MES L . 37.33 7.47 23.86
C8 MES L . 38.10 8.16 22.74
S MES L . 38.50 7.05 21.43
O1S MES L . 39.65 7.64 20.77
O2S MES L . 37.35 6.99 20.57
O3S MES L . 38.82 5.76 22.04
#